data_2N5J
#
_entry.id   2N5J
#
_entity_poly.entity_id   1
_entity_poly.type   'polypeptide(L)'
_entity_poly.pdbx_seq_one_letter_code
;GPHMTSELQMKVDFFRKLGYSSSEIHSVLQKLGVQADTNTVLGELVKHG
;
_entity_poly.pdbx_strand_id   A
#
# COMPACT_ATOMS: atom_id res chain seq x y z
N GLY A 1 -15.85 -16.65 -0.30
CA GLY A 1 -15.94 -16.78 -1.75
C GLY A 1 -16.47 -15.52 -2.41
N PRO A 2 -17.78 -15.27 -2.24
CA PRO A 2 -18.44 -14.09 -2.82
C PRO A 2 -18.00 -12.79 -2.16
N HIS A 3 -17.57 -12.89 -0.90
CA HIS A 3 -17.13 -11.72 -0.16
C HIS A 3 -15.66 -11.87 0.26
N MET A 4 -14.88 -12.54 -0.57
CA MET A 4 -13.46 -12.75 -0.28
C MET A 4 -12.71 -11.42 -0.22
N THR A 5 -12.53 -10.92 0.99
CA THR A 5 -11.84 -9.65 1.19
C THR A 5 -10.36 -9.76 0.82
N SER A 6 -9.93 -8.93 -0.11
CA SER A 6 -8.54 -8.94 -0.57
C SER A 6 -7.71 -7.92 0.20
N GLU A 7 -7.20 -8.32 1.36
CA GLU A 7 -6.39 -7.44 2.19
C GLU A 7 -5.24 -6.83 1.37
N LEU A 8 -4.55 -7.67 0.62
CA LEU A 8 -3.43 -7.22 -0.20
C LEU A 8 -3.85 -6.08 -1.11
N GLN A 9 -5.09 -6.15 -1.59
CA GLN A 9 -5.63 -5.12 -2.48
C GLN A 9 -5.95 -3.84 -1.71
N MET A 10 -6.76 -3.98 -0.67
CA MET A 10 -7.13 -2.84 0.16
C MET A 10 -5.91 -2.08 0.65
N LYS A 11 -4.81 -2.80 0.80
CA LYS A 11 -3.56 -2.20 1.26
C LYS A 11 -3.15 -1.04 0.36
N VAL A 12 -3.33 -1.22 -0.95
CA VAL A 12 -2.97 -0.18 -1.91
C VAL A 12 -4.12 0.81 -2.08
N ASP A 13 -5.32 0.29 -2.26
CA ASP A 13 -6.50 1.14 -2.44
C ASP A 13 -6.60 2.17 -1.33
N PHE A 14 -6.09 1.82 -0.15
CA PHE A 14 -6.13 2.72 1.00
C PHE A 14 -5.31 3.97 0.73
N PHE A 15 -3.99 3.82 0.73
CA PHE A 15 -3.09 4.94 0.50
C PHE A 15 -3.41 5.63 -0.82
N ARG A 16 -4.01 4.88 -1.74
CA ARG A 16 -4.38 5.41 -3.05
C ARG A 16 -5.34 6.59 -2.90
N LYS A 17 -6.12 6.58 -1.82
CA LYS A 17 -7.08 7.64 -1.57
C LYS A 17 -6.47 8.74 -0.69
N LEU A 18 -5.42 8.39 0.04
CA LEU A 18 -4.74 9.34 0.91
C LEU A 18 -4.17 10.50 0.09
N GLY A 19 -3.98 10.27 -1.20
CA GLY A 19 -3.44 11.31 -2.06
C GLY A 19 -2.09 10.94 -2.63
N TYR A 20 -1.78 9.65 -2.63
CA TYR A 20 -0.50 9.18 -3.15
C TYR A 20 -0.64 8.75 -4.61
N SER A 21 0.46 8.26 -5.18
CA SER A 21 0.47 7.82 -6.57
C SER A 21 0.40 6.30 -6.65
N SER A 22 -0.42 5.79 -7.57
CA SER A 22 -0.57 4.35 -7.76
C SER A 22 0.78 3.69 -7.99
N SER A 23 1.62 4.33 -8.79
CA SER A 23 2.93 3.80 -9.11
C SER A 23 3.82 3.76 -7.86
N GLU A 24 3.52 4.63 -6.91
CA GLU A 24 4.28 4.69 -5.67
C GLU A 24 3.87 3.58 -4.72
N ILE A 25 2.57 3.51 -4.41
CA ILE A 25 2.05 2.49 -3.52
C ILE A 25 2.24 1.09 -4.11
N HIS A 26 1.78 0.90 -5.34
CA HIS A 26 1.92 -0.38 -6.01
C HIS A 26 3.36 -0.84 -6.05
N SER A 27 4.28 0.12 -6.07
CA SER A 27 5.71 -0.19 -6.12
C SER A 27 6.18 -0.76 -4.77
N VAL A 28 6.10 0.07 -3.73
CA VAL A 28 6.52 -0.35 -2.40
C VAL A 28 5.85 -1.67 -2.00
N LEU A 29 4.59 -1.82 -2.39
CA LEU A 29 3.84 -3.03 -2.08
C LEU A 29 4.31 -4.20 -2.93
N GLN A 30 4.71 -3.90 -4.16
CA GLN A 30 5.18 -4.93 -5.08
C GLN A 30 6.52 -5.51 -4.61
N LYS A 31 7.29 -4.70 -3.89
CA LYS A 31 8.58 -5.12 -3.38
C LYS A 31 8.46 -5.66 -1.95
N LEU A 32 7.60 -5.02 -1.16
CA LEU A 32 7.39 -5.44 0.22
C LEU A 32 6.57 -6.73 0.29
N GLY A 33 5.37 -6.69 -0.28
CA GLY A 33 4.51 -7.87 -0.29
C GLY A 33 3.51 -7.84 0.85
N VAL A 34 3.39 -8.97 1.55
CA VAL A 34 2.45 -9.08 2.67
C VAL A 34 3.17 -8.86 4.00
N GLN A 35 4.49 -9.05 4.00
CA GLN A 35 5.28 -8.87 5.21
C GLN A 35 5.29 -7.41 5.66
N ALA A 36 5.03 -6.51 4.71
CA ALA A 36 4.99 -5.08 5.01
C ALA A 36 4.09 -4.78 6.19
N ASP A 37 4.15 -3.55 6.69
CA ASP A 37 3.34 -3.14 7.83
C ASP A 37 2.86 -1.71 7.67
N THR A 38 1.82 -1.34 8.40
CA THR A 38 1.26 0.00 8.33
C THR A 38 2.35 1.05 8.53
N ASN A 39 3.38 0.70 9.30
CA ASN A 39 4.47 1.62 9.56
C ASN A 39 5.45 1.65 8.39
N THR A 40 5.92 0.46 7.99
CA THR A 40 6.86 0.35 6.89
C THR A 40 6.36 1.09 5.65
N VAL A 41 5.09 0.87 5.32
CA VAL A 41 4.48 1.52 4.17
C VAL A 41 4.70 3.03 4.20
N LEU A 42 4.31 3.65 5.31
CA LEU A 42 4.46 5.09 5.47
C LEU A 42 5.92 5.51 5.29
N GLY A 43 6.81 4.83 6.01
CA GLY A 43 8.22 5.15 5.92
C GLY A 43 8.73 5.16 4.49
N GLU A 44 8.33 4.14 3.72
CA GLU A 44 8.75 4.04 2.33
C GLU A 44 8.43 5.32 1.56
N LEU A 45 7.23 5.85 1.79
CA LEU A 45 6.79 7.07 1.13
C LEU A 45 7.50 8.29 1.71
N VAL A 46 7.83 8.22 3.00
CA VAL A 46 8.51 9.31 3.68
C VAL A 46 9.88 9.57 3.07
N LYS A 47 10.53 8.51 2.60
CA LYS A 47 11.84 8.61 2.00
C LYS A 47 11.74 8.61 0.48
N HIS A 48 11.22 7.53 -0.09
CA HIS A 48 11.06 7.41 -1.53
C HIS A 48 10.22 8.55 -2.08
N GLY A 49 9.22 8.98 -1.31
CA GLY A 49 8.36 10.06 -1.75
C GLY A 49 8.58 11.33 -0.95
N GLY A 1 -20.82 -12.08 -8.33
CA GLY A 1 -20.52 -10.85 -7.61
C GLY A 1 -20.58 -11.03 -6.10
N PRO A 2 -19.61 -11.79 -5.56
CA PRO A 2 -19.53 -12.05 -4.12
C PRO A 2 -19.14 -10.81 -3.32
N HIS A 3 -18.95 -10.99 -2.01
CA HIS A 3 -18.58 -9.88 -1.14
C HIS A 3 -17.29 -10.21 -0.37
N MET A 4 -16.38 -10.90 -1.03
CA MET A 4 -15.11 -11.27 -0.41
C MET A 4 -14.09 -10.13 -0.51
N THR A 5 -13.77 -9.53 0.62
CA THR A 5 -12.82 -8.44 0.66
C THR A 5 -11.39 -8.94 0.52
N SER A 6 -10.58 -8.19 -0.22
CA SER A 6 -9.17 -8.57 -0.44
C SER A 6 -8.24 -7.69 0.37
N GLU A 7 -7.73 -8.22 1.48
CA GLU A 7 -6.82 -7.48 2.35
C GLU A 7 -5.67 -6.90 1.54
N LEU A 8 -5.11 -7.71 0.65
CA LEU A 8 -3.99 -7.28 -0.18
C LEU A 8 -4.37 -6.08 -1.03
N GLN A 9 -5.63 -6.03 -1.44
CA GLN A 9 -6.13 -4.93 -2.26
C GLN A 9 -6.30 -3.66 -1.42
N MET A 10 -6.91 -3.81 -0.25
CA MET A 10 -7.14 -2.68 0.63
C MET A 10 -5.83 -1.99 0.99
N LYS A 11 -4.76 -2.78 1.11
CA LYS A 11 -3.44 -2.26 1.44
C LYS A 11 -3.06 -1.12 0.49
N VAL A 12 -3.28 -1.34 -0.81
CA VAL A 12 -2.96 -0.34 -1.82
C VAL A 12 -4.12 0.64 -2.01
N ASP A 13 -5.32 0.10 -2.18
CA ASP A 13 -6.51 0.92 -2.37
C ASP A 13 -6.62 1.98 -1.27
N PHE A 14 -6.11 1.66 -0.09
CA PHE A 14 -6.16 2.56 1.05
C PHE A 14 -5.35 3.83 0.75
N PHE A 15 -4.03 3.71 0.76
CA PHE A 15 -3.15 4.84 0.49
C PHE A 15 -3.49 5.49 -0.84
N ARG A 16 -4.08 4.71 -1.74
CA ARG A 16 -4.46 5.22 -3.05
C ARG A 16 -5.46 6.38 -2.93
N LYS A 17 -6.20 6.39 -1.84
CA LYS A 17 -7.18 7.44 -1.59
C LYS A 17 -6.59 8.55 -0.74
N LEU A 18 -5.54 8.23 0.00
CA LEU A 18 -4.88 9.21 0.85
C LEU A 18 -4.34 10.37 0.03
N GLY A 19 -4.15 10.15 -1.26
CA GLY A 19 -3.63 11.18 -2.13
C GLY A 19 -2.27 10.84 -2.71
N TYR A 20 -1.94 9.56 -2.70
CA TYR A 20 -0.66 9.10 -3.22
C TYR A 20 -0.79 8.62 -4.66
N SER A 21 0.31 8.15 -5.23
CA SER A 21 0.33 7.67 -6.60
C SER A 21 0.30 6.14 -6.65
N SER A 22 -0.51 5.59 -7.54
CA SER A 22 -0.62 4.14 -7.68
C SER A 22 0.74 3.51 -7.92
N SER A 23 1.53 4.14 -8.79
CA SER A 23 2.87 3.64 -9.11
C SER A 23 3.76 3.63 -7.87
N GLU A 24 3.44 4.50 -6.92
CA GLU A 24 4.22 4.60 -5.68
C GLU A 24 3.82 3.50 -4.70
N ILE A 25 2.52 3.43 -4.39
CA ILE A 25 2.02 2.44 -3.47
C ILE A 25 2.21 1.03 -4.01
N HIS A 26 2.05 0.88 -5.33
CA HIS A 26 2.22 -0.41 -5.98
C HIS A 26 3.68 -0.80 -6.05
N SER A 27 4.56 0.20 -6.05
CA SER A 27 6.00 -0.04 -6.12
C SER A 27 6.52 -0.58 -4.79
N VAL A 28 6.36 0.21 -3.73
CA VAL A 28 6.82 -0.18 -2.41
C VAL A 28 6.26 -1.55 -2.02
N LEU A 29 5.03 -1.82 -2.46
CA LEU A 29 4.37 -3.09 -2.15
C LEU A 29 4.91 -4.20 -3.04
N GLN A 30 5.28 -3.85 -4.27
CA GLN A 30 5.80 -4.82 -5.22
C GLN A 30 7.12 -5.41 -4.73
N LYS A 31 7.83 -4.65 -3.90
CA LYS A 31 9.10 -5.11 -3.34
C LYS A 31 8.92 -5.65 -1.93
N LEU A 32 8.11 -4.95 -1.13
CA LEU A 32 7.85 -5.37 0.24
C LEU A 32 7.06 -6.67 0.28
N GLY A 33 5.89 -6.66 -0.34
CA GLY A 33 5.06 -7.85 -0.37
C GLY A 33 4.01 -7.85 0.73
N VAL A 34 3.86 -8.98 1.41
CA VAL A 34 2.88 -9.10 2.48
C VAL A 34 3.54 -8.89 3.84
N GLN A 35 4.86 -9.06 3.89
CA GLN A 35 5.61 -8.89 5.14
C GLN A 35 5.57 -7.44 5.60
N ALA A 36 5.34 -6.53 4.66
CA ALA A 36 5.28 -5.10 4.97
C ALA A 36 4.31 -4.84 6.12
N ASP A 37 4.33 -3.61 6.63
CA ASP A 37 3.46 -3.22 7.73
C ASP A 37 2.95 -1.79 7.55
N THR A 38 1.87 -1.46 8.24
CA THR A 38 1.29 -0.12 8.15
C THR A 38 2.34 0.94 8.40
N ASN A 39 3.35 0.61 9.21
CA ASN A 39 4.42 1.55 9.52
C ASN A 39 5.44 1.61 8.39
N THR A 40 5.95 0.44 8.00
CA THR A 40 6.93 0.37 6.92
C THR A 40 6.45 1.10 5.68
N VAL A 41 5.20 0.84 5.30
CA VAL A 41 4.62 1.47 4.12
C VAL A 41 4.78 2.98 4.17
N LEU A 42 4.31 3.59 5.26
CA LEU A 42 4.42 5.04 5.42
C LEU A 42 5.85 5.51 5.22
N GLY A 43 6.79 4.86 5.93
CA GLY A 43 8.18 5.23 5.81
C GLY A 43 8.66 5.24 4.37
N GLU A 44 8.35 4.18 3.63
CA GLU A 44 8.76 4.08 2.24
C GLU A 44 8.35 5.32 1.45
N LEU A 45 7.16 5.83 1.74
CA LEU A 45 6.65 7.02 1.07
C LEU A 45 7.27 8.28 1.65
N VAL A 46 7.64 8.23 2.93
CA VAL A 46 8.25 9.38 3.59
C VAL A 46 9.67 9.60 3.10
N LYS A 47 10.36 8.51 2.78
CA LYS A 47 11.73 8.59 2.28
C LYS A 47 11.77 8.63 0.76
N HIS A 48 11.12 7.67 0.13
CA HIS A 48 11.08 7.59 -1.32
C HIS A 48 10.04 8.57 -1.88
N GLY A 49 10.41 9.85 -1.95
CA GLY A 49 9.50 10.86 -2.46
C GLY A 49 10.23 11.96 -3.20
N GLY A 1 -13.39 -0.26 5.96
CA GLY A 1 -14.76 0.06 5.65
C GLY A 1 -15.73 -1.03 6.03
N PRO A 2 -17.02 -0.83 5.72
CA PRO A 2 -18.08 -1.80 6.03
C PRO A 2 -17.97 -3.06 5.17
N HIS A 3 -17.32 -2.93 4.02
CA HIS A 3 -17.15 -4.06 3.11
C HIS A 3 -15.67 -4.28 2.79
N MET A 4 -15.32 -5.53 2.49
CA MET A 4 -13.94 -5.87 2.16
C MET A 4 -13.88 -6.77 0.94
N THR A 5 -12.83 -6.62 0.14
CA THR A 5 -12.65 -7.43 -1.06
C THR A 5 -11.41 -8.31 -0.95
N SER A 6 -10.33 -7.75 -0.41
CA SER A 6 -9.09 -8.48 -0.26
C SER A 6 -8.08 -7.68 0.56
N GLU A 7 -7.41 -8.34 1.49
CA GLU A 7 -6.42 -7.69 2.33
C GLU A 7 -5.26 -7.15 1.49
N LEU A 8 -5.05 -7.75 0.34
CA LEU A 8 -3.97 -7.34 -0.56
C LEU A 8 -4.41 -6.14 -1.41
N GLN A 9 -5.68 -6.13 -1.78
CA GLN A 9 -6.21 -5.04 -2.60
C GLN A 9 -6.54 -3.82 -1.73
N MET A 10 -6.84 -4.07 -0.46
CA MET A 10 -7.17 -3.00 0.47
C MET A 10 -5.92 -2.25 0.91
N LYS A 11 -4.82 -2.98 1.04
CA LYS A 11 -3.55 -2.38 1.45
C LYS A 11 -3.15 -1.24 0.51
N VAL A 12 -3.38 -1.45 -0.79
CA VAL A 12 -3.05 -0.44 -1.79
C VAL A 12 -4.19 0.55 -1.96
N ASP A 13 -5.41 0.03 -2.12
CA ASP A 13 -6.58 0.87 -2.31
C ASP A 13 -6.68 1.92 -1.20
N PHE A 14 -6.16 1.58 -0.02
CA PHE A 14 -6.20 2.49 1.12
C PHE A 14 -5.39 3.75 0.82
N PHE A 15 -4.06 3.61 0.81
CA PHE A 15 -3.18 4.74 0.55
C PHE A 15 -3.54 5.41 -0.78
N ARG A 16 -4.13 4.64 -1.69
CA ARG A 16 -4.52 5.15 -2.99
C ARG A 16 -5.51 6.31 -2.86
N LYS A 17 -6.25 6.32 -1.75
CA LYS A 17 -7.22 7.37 -1.50
C LYS A 17 -6.60 8.49 -0.65
N LEU A 18 -5.55 8.15 0.09
CA LEU A 18 -4.87 9.12 0.94
C LEU A 18 -4.33 10.29 0.12
N GLY A 19 -4.18 10.06 -1.18
CA GLY A 19 -3.67 11.10 -2.05
C GLY A 19 -2.32 10.76 -2.64
N TYR A 20 -1.99 9.47 -2.67
CA TYR A 20 -0.72 9.02 -3.21
C TYR A 20 -0.87 8.52 -4.64
N SER A 21 0.24 8.05 -5.22
CA SER A 21 0.23 7.56 -6.59
C SER A 21 0.20 6.04 -6.62
N SER A 22 -0.62 5.48 -7.50
CA SER A 22 -0.75 4.04 -7.63
C SER A 22 0.62 3.39 -7.87
N SER A 23 1.41 4.01 -8.73
CA SER A 23 2.73 3.49 -9.06
C SER A 23 3.63 3.48 -7.82
N GLU A 24 3.36 4.39 -6.89
CA GLU A 24 4.13 4.49 -5.67
C GLU A 24 3.73 3.40 -4.68
N ILE A 25 2.44 3.34 -4.36
CA ILE A 25 1.92 2.34 -3.43
C ILE A 25 2.12 0.92 -3.97
N HIS A 26 1.98 0.78 -5.29
CA HIS A 26 2.15 -0.52 -5.93
C HIS A 26 3.62 -0.91 -5.99
N SER A 27 4.49 0.09 -6.00
CA SER A 27 5.93 -0.16 -6.05
C SER A 27 6.44 -0.68 -4.72
N VAL A 28 6.27 0.11 -3.66
CA VAL A 28 6.72 -0.28 -2.33
C VAL A 28 6.15 -1.64 -1.94
N LEU A 29 4.93 -1.91 -2.38
CA LEU A 29 4.27 -3.18 -2.08
C LEU A 29 4.81 -4.29 -2.97
N GLN A 30 5.19 -3.94 -4.19
CA GLN A 30 5.73 -4.92 -5.14
C GLN A 30 7.03 -5.51 -4.63
N LYS A 31 7.74 -4.75 -3.80
CA LYS A 31 9.01 -5.20 -3.25
C LYS A 31 8.83 -5.73 -1.83
N LEU A 32 8.03 -5.02 -1.04
CA LEU A 32 7.76 -5.42 0.34
C LEU A 32 6.92 -6.70 0.38
N GLY A 33 5.74 -6.65 -0.23
CA GLY A 33 4.87 -7.81 -0.25
C GLY A 33 3.86 -7.79 0.88
N VAL A 34 3.73 -8.92 1.58
CA VAL A 34 2.80 -9.03 2.69
C VAL A 34 3.50 -8.83 4.02
N GLN A 35 4.82 -9.02 4.02
CA GLN A 35 5.61 -8.86 5.23
C GLN A 35 5.63 -7.40 5.69
N ALA A 36 5.35 -6.49 4.76
CA ALA A 36 5.32 -5.07 5.06
C ALA A 36 4.42 -4.78 6.26
N ASP A 37 4.50 -3.55 6.77
CA ASP A 37 3.69 -3.15 7.92
C ASP A 37 3.19 -1.72 7.75
N THR A 38 2.15 -1.38 8.50
CA THR A 38 1.56 -0.04 8.44
C THR A 38 2.64 1.04 8.62
N ASN A 39 3.68 0.70 9.37
CA ASN A 39 4.77 1.63 9.61
C ASN A 39 5.75 1.67 8.43
N THR A 40 6.23 0.49 8.04
CA THR A 40 7.16 0.38 6.92
C THR A 40 6.62 1.10 5.68
N VAL A 41 5.36 0.83 5.36
CA VAL A 41 4.73 1.45 4.19
C VAL A 41 4.89 2.96 4.22
N LEU A 42 4.41 3.58 5.29
CA LEU A 42 4.50 5.03 5.45
C LEU A 42 5.93 5.51 5.23
N GLY A 43 6.88 4.86 5.90
CA GLY A 43 8.27 5.25 5.77
C GLY A 43 8.72 5.27 4.32
N GLU A 44 8.41 4.21 3.59
CA GLU A 44 8.79 4.11 2.18
C GLU A 44 8.36 5.36 1.41
N LEU A 45 7.17 5.86 1.72
CA LEU A 45 6.64 7.05 1.06
C LEU A 45 7.29 8.31 1.62
N VAL A 46 7.68 8.26 2.89
CA VAL A 46 8.31 9.40 3.55
C VAL A 46 9.69 9.68 2.95
N LYS A 47 10.45 8.62 2.69
CA LYS A 47 11.78 8.75 2.12
C LYS A 47 11.71 8.88 0.60
N HIS A 48 10.90 8.03 -0.03
CA HIS A 48 10.74 8.05 -1.47
C HIS A 48 9.37 8.61 -1.86
N GLY A 49 9.11 9.84 -1.42
CA GLY A 49 7.83 10.47 -1.74
C GLY A 49 7.52 11.62 -0.81
N GLY A 1 -23.83 -14.63 2.88
CA GLY A 1 -23.35 -13.97 4.08
C GLY A 1 -21.87 -13.64 4.02
N PRO A 2 -21.03 -14.68 4.11
CA PRO A 2 -19.57 -14.54 4.07
C PRO A 2 -19.07 -14.13 2.68
N HIS A 3 -18.91 -12.82 2.48
CA HIS A 3 -18.44 -12.30 1.21
C HIS A 3 -16.92 -12.44 1.09
N MET A 4 -16.38 -11.99 -0.04
CA MET A 4 -14.94 -12.08 -0.28
C MET A 4 -14.29 -10.70 -0.11
N THR A 5 -13.07 -10.69 0.44
CA THR A 5 -12.34 -9.45 0.65
C THR A 5 -10.86 -9.61 0.32
N SER A 6 -10.36 -8.76 -0.56
CA SER A 6 -8.95 -8.81 -0.96
C SER A 6 -8.12 -7.83 -0.14
N GLU A 7 -7.56 -8.32 0.97
CA GLU A 7 -6.74 -7.49 1.84
C GLU A 7 -5.56 -6.89 1.06
N LEU A 8 -4.99 -7.68 0.16
CA LEU A 8 -3.86 -7.23 -0.64
C LEU A 8 -4.25 -6.04 -1.52
N GLN A 9 -5.51 -6.04 -1.97
CA GLN A 9 -6.01 -4.96 -2.82
C GLN A 9 -6.32 -3.72 -1.99
N MET A 10 -6.94 -3.93 -0.83
CA MET A 10 -7.30 -2.83 0.05
C MET A 10 -6.06 -2.09 0.54
N LYS A 11 -4.97 -2.83 0.70
CA LYS A 11 -3.71 -2.26 1.16
C LYS A 11 -3.29 -1.08 0.27
N VAL A 12 -3.49 -1.24 -1.04
CA VAL A 12 -3.14 -0.20 -1.99
C VAL A 12 -4.26 0.84 -2.11
N ASP A 13 -5.49 0.36 -2.27
CA ASP A 13 -6.63 1.24 -2.40
C ASP A 13 -6.69 2.23 -1.25
N PHE A 14 -6.15 1.84 -0.11
CA PHE A 14 -6.14 2.69 1.08
C PHE A 14 -5.28 3.93 0.84
N PHE A 15 -3.96 3.74 0.82
CA PHE A 15 -3.03 4.83 0.60
C PHE A 15 -3.36 5.59 -0.70
N ARG A 16 -4.00 4.89 -1.62
CA ARG A 16 -4.38 5.48 -2.90
C ARG A 16 -5.30 6.68 -2.69
N LYS A 17 -6.04 6.66 -1.59
CA LYS A 17 -6.97 7.74 -1.27
C LYS A 17 -6.30 8.78 -0.38
N LEU A 18 -5.25 8.36 0.32
CA LEU A 18 -4.52 9.26 1.21
C LEU A 18 -3.92 10.43 0.44
N GLY A 19 -3.80 10.27 -0.88
CA GLY A 19 -3.25 11.32 -1.70
C GLY A 19 -1.95 10.92 -2.36
N TYR A 20 -1.76 9.62 -2.56
CA TYR A 20 -0.54 9.11 -3.18
C TYR A 20 -0.81 8.63 -4.60
N SER A 21 0.23 8.09 -5.24
CA SER A 21 0.10 7.58 -6.60
C SER A 21 0.13 6.07 -6.62
N SER A 22 -0.66 5.48 -7.52
CA SER A 22 -0.74 4.02 -7.64
C SER A 22 0.65 3.43 -7.92
N SER A 23 1.40 4.08 -8.81
CA SER A 23 2.73 3.62 -9.18
C SER A 23 3.65 3.63 -7.95
N GLU A 24 3.31 4.44 -6.97
CA GLU A 24 4.10 4.54 -5.75
C GLU A 24 3.72 3.44 -4.76
N ILE A 25 2.45 3.39 -4.40
CA ILE A 25 1.96 2.39 -3.46
C ILE A 25 2.13 0.98 -4.02
N HIS A 26 1.62 0.76 -5.23
CA HIS A 26 1.71 -0.54 -5.88
C HIS A 26 3.17 -0.99 -5.98
N SER A 27 4.08 -0.01 -6.00
CA SER A 27 5.50 -0.31 -6.11
C SER A 27 6.05 -0.82 -4.78
N VAL A 28 6.00 0.04 -3.75
CA VAL A 28 6.49 -0.33 -2.44
C VAL A 28 5.86 -1.63 -1.95
N LEU A 29 4.58 -1.82 -2.28
CA LEU A 29 3.86 -3.02 -1.88
C LEU A 29 4.38 -4.25 -2.63
N GLN A 30 4.87 -4.02 -3.84
CA GLN A 30 5.40 -5.11 -4.66
C GLN A 30 6.80 -5.51 -4.19
N LYS A 31 7.57 -4.52 -3.75
CA LYS A 31 8.92 -4.77 -3.26
C LYS A 31 8.91 -5.28 -1.82
N LEU A 32 7.88 -4.90 -1.08
CA LEU A 32 7.74 -5.32 0.31
C LEU A 32 7.02 -6.65 0.41
N GLY A 33 5.79 -6.70 -0.12
CA GLY A 33 5.01 -7.93 -0.08
C GLY A 33 4.00 -7.93 1.04
N VAL A 34 3.91 -9.05 1.76
CA VAL A 34 2.97 -9.17 2.86
C VAL A 34 3.65 -8.90 4.21
N GLN A 35 4.97 -9.04 4.22
CA GLN A 35 5.74 -8.81 5.44
C GLN A 35 5.69 -7.34 5.85
N ALA A 36 5.40 -6.47 4.87
CA ALA A 36 5.32 -5.04 5.13
C ALA A 36 4.39 -4.75 6.31
N ASP A 37 4.41 -3.50 6.77
CA ASP A 37 3.57 -3.09 7.88
C ASP A 37 3.05 -1.67 7.67
N THR A 38 1.97 -1.33 8.38
CA THR A 38 1.36 -0.01 8.26
C THR A 38 2.40 1.09 8.46
N ASN A 39 3.43 0.79 9.25
CA ASN A 39 4.49 1.76 9.51
C ASN A 39 5.49 1.79 8.36
N THR A 40 6.01 0.61 8.00
CA THR A 40 6.98 0.51 6.92
C THR A 40 6.48 1.20 5.66
N VAL A 41 5.22 0.93 5.30
CA VAL A 41 4.62 1.54 4.13
C VAL A 41 4.79 3.05 4.12
N LEU A 42 4.38 3.69 5.21
CA LEU A 42 4.48 5.13 5.34
C LEU A 42 5.92 5.59 5.13
N GLY A 43 6.85 4.99 5.88
CA GLY A 43 8.24 5.35 5.75
C GLY A 43 8.74 5.29 4.33
N GLU A 44 8.33 4.25 3.60
CA GLU A 44 8.74 4.08 2.21
C GLU A 44 8.39 5.32 1.39
N LEU A 45 7.27 5.95 1.72
CA LEU A 45 6.82 7.14 1.01
C LEU A 45 7.41 8.40 1.64
N VAL A 46 7.74 8.32 2.92
CA VAL A 46 8.32 9.44 3.64
C VAL A 46 9.70 9.80 3.08
N LYS A 47 10.34 8.83 2.45
CA LYS A 47 11.66 9.05 1.87
C LYS A 47 11.66 8.76 0.38
N HIS A 48 10.97 7.67 0.00
CA HIS A 48 10.89 7.28 -1.40
C HIS A 48 12.27 6.94 -1.96
N GLY A 49 13.17 6.52 -1.08
CA GLY A 49 14.51 6.16 -1.50
C GLY A 49 15.52 7.26 -1.21
N GLY A 1 -10.47 -12.32 -6.37
CA GLY A 1 -11.39 -11.32 -5.88
C GLY A 1 -12.08 -10.56 -7.00
N PRO A 2 -13.05 -11.22 -7.66
CA PRO A 2 -13.80 -10.61 -8.76
C PRO A 2 -14.75 -9.51 -8.29
N HIS A 3 -15.28 -9.66 -7.09
CA HIS A 3 -16.19 -8.68 -6.52
C HIS A 3 -15.70 -8.22 -5.15
N MET A 4 -15.24 -9.16 -4.34
CA MET A 4 -14.75 -8.84 -3.00
C MET A 4 -13.45 -8.05 -3.07
N THR A 5 -12.85 -7.79 -1.92
CA THR A 5 -11.60 -7.04 -1.86
C THR A 5 -10.57 -7.76 -0.99
N SER A 6 -9.54 -8.30 -1.62
CA SER A 6 -8.48 -9.03 -0.90
C SER A 6 -7.73 -8.08 0.03
N GLU A 7 -7.37 -8.59 1.21
CA GLU A 7 -6.65 -7.80 2.19
C GLU A 7 -5.40 -7.16 1.56
N LEU A 8 -4.82 -7.85 0.59
CA LEU A 8 -3.63 -7.34 -0.09
C LEU A 8 -3.98 -6.17 -1.00
N GLN A 9 -5.15 -6.24 -1.62
CA GLN A 9 -5.59 -5.18 -2.52
C GLN A 9 -6.04 -3.95 -1.74
N MET A 10 -6.67 -4.18 -0.59
CA MET A 10 -7.14 -3.08 0.25
C MET A 10 -5.96 -2.25 0.76
N LYS A 11 -4.83 -2.91 0.98
CA LYS A 11 -3.64 -2.23 1.48
C LYS A 11 -3.25 -1.08 0.55
N VAL A 12 -3.36 -1.30 -0.75
CA VAL A 12 -3.03 -0.28 -1.73
C VAL A 12 -4.17 0.71 -1.90
N ASP A 13 -5.38 0.19 -2.08
CA ASP A 13 -6.56 1.03 -2.25
C ASP A 13 -6.66 2.06 -1.15
N PHE A 14 -6.15 1.72 0.03
CA PHE A 14 -6.19 2.62 1.17
C PHE A 14 -5.36 3.87 0.90
N PHE A 15 -4.04 3.72 0.87
CA PHE A 15 -3.14 4.83 0.62
C PHE A 15 -3.48 5.52 -0.70
N ARG A 16 -4.12 4.78 -1.60
CA ARG A 16 -4.50 5.32 -2.91
C ARG A 16 -5.45 6.49 -2.74
N LYS A 17 -6.23 6.47 -1.67
CA LYS A 17 -7.19 7.53 -1.41
C LYS A 17 -6.57 8.64 -0.55
N LEU A 18 -5.50 8.28 0.17
CA LEU A 18 -4.81 9.24 1.02
C LEU A 18 -4.26 10.40 0.21
N GLY A 19 -4.12 10.18 -1.10
CA GLY A 19 -3.60 11.22 -1.98
C GLY A 19 -2.28 10.84 -2.60
N TYR A 20 -1.99 9.55 -2.63
CA TYR A 20 -0.73 9.06 -3.20
C TYR A 20 -0.94 8.57 -4.64
N SER A 21 0.11 8.04 -5.23
CA SER A 21 0.05 7.54 -6.60
C SER A 21 0.07 6.01 -6.63
N SER A 22 -0.77 5.43 -7.46
CA SER A 22 -0.85 3.98 -7.58
C SER A 22 0.52 3.39 -7.88
N SER A 23 1.27 4.04 -8.76
CA SER A 23 2.60 3.57 -9.12
C SER A 23 3.54 3.60 -7.93
N GLU A 24 3.22 4.45 -6.95
CA GLU A 24 4.03 4.57 -5.74
C GLU A 24 3.69 3.47 -4.75
N ILE A 25 2.42 3.37 -4.40
CA ILE A 25 1.95 2.36 -3.46
C ILE A 25 2.16 0.95 -4.02
N HIS A 26 1.62 0.72 -5.21
CA HIS A 26 1.74 -0.58 -5.86
C HIS A 26 3.20 -1.02 -5.96
N SER A 27 4.10 -0.03 -6.06
CA SER A 27 5.52 -0.31 -6.16
C SER A 27 6.07 -0.84 -4.84
N VAL A 28 6.05 0.01 -3.82
CA VAL A 28 6.54 -0.37 -2.50
C VAL A 28 5.91 -1.68 -2.03
N LEU A 29 4.62 -1.83 -2.30
CA LEU A 29 3.89 -3.03 -1.91
C LEU A 29 4.39 -4.24 -2.68
N GLN A 30 4.84 -4.01 -3.92
CA GLN A 30 5.33 -5.08 -4.77
C GLN A 30 6.71 -5.53 -4.32
N LYS A 31 7.44 -4.64 -3.68
CA LYS A 31 8.79 -4.95 -3.19
C LYS A 31 8.74 -5.43 -1.74
N LEU A 32 7.74 -4.98 -1.00
CA LEU A 32 7.57 -5.37 0.40
C LEU A 32 6.73 -6.64 0.52
N GLY A 33 5.50 -6.57 0.00
CA GLY A 33 4.62 -7.72 0.06
C GLY A 33 3.62 -7.63 1.20
N VAL A 34 3.40 -8.75 1.88
CA VAL A 34 2.47 -8.80 3.00
C VAL A 34 3.20 -8.69 4.32
N GLN A 35 4.49 -9.02 4.31
CA GLN A 35 5.31 -8.97 5.52
C GLN A 35 5.48 -7.52 5.99
N ALA A 36 5.26 -6.58 5.08
CA ALA A 36 5.38 -5.16 5.41
C ALA A 36 4.58 -4.80 6.65
N ASP A 37 4.78 -3.60 7.16
CA ASP A 37 4.06 -3.14 8.34
C ASP A 37 3.44 -1.77 8.10
N THR A 38 2.49 -1.40 8.95
CA THR A 38 1.81 -0.12 8.83
C THR A 38 2.82 1.04 8.82
N ASN A 39 3.97 0.82 9.44
CA ASN A 39 5.01 1.83 9.49
C ASN A 39 5.91 1.76 8.26
N THR A 40 6.27 0.53 7.86
CA THR A 40 7.12 0.33 6.71
C THR A 40 6.59 1.07 5.49
N VAL A 41 5.32 0.83 5.18
CA VAL A 41 4.68 1.47 4.04
C VAL A 41 4.87 2.99 4.07
N LEU A 42 4.42 3.61 5.16
CA LEU A 42 4.56 5.06 5.32
C LEU A 42 6.00 5.50 5.10
N GLY A 43 6.93 4.82 5.76
CA GLY A 43 8.33 5.16 5.62
C GLY A 43 8.78 5.21 4.18
N GLU A 44 8.45 4.16 3.42
CA GLU A 44 8.83 4.09 2.02
C GLU A 44 8.39 5.35 1.27
N LEU A 45 7.19 5.81 1.57
CA LEU A 45 6.65 7.01 0.93
C LEU A 45 7.31 8.27 1.48
N VAL A 46 7.74 8.21 2.74
CA VAL A 46 8.39 9.34 3.38
C VAL A 46 9.79 9.55 2.83
N LYS A 47 10.50 8.45 2.59
CA LYS A 47 11.85 8.52 2.06
C LYS A 47 11.84 8.63 0.54
N HIS A 48 10.99 7.83 -0.10
CA HIS A 48 10.89 7.85 -1.56
C HIS A 48 9.55 8.45 -1.99
N GLY A 49 9.32 9.71 -1.63
CA GLY A 49 8.09 10.38 -2.00
C GLY A 49 8.22 11.19 -3.27
N GLY A 1 -20.23 -16.62 -5.61
CA GLY A 1 -18.87 -16.90 -5.19
C GLY A 1 -18.67 -16.68 -3.71
N PRO A 2 -17.41 -16.79 -3.25
CA PRO A 2 -17.06 -16.60 -1.84
C PRO A 2 -17.20 -15.14 -1.40
N HIS A 3 -16.76 -14.22 -2.25
CA HIS A 3 -16.83 -12.80 -1.95
C HIS A 3 -16.01 -12.47 -0.71
N MET A 4 -14.73 -12.84 -0.74
CA MET A 4 -13.84 -12.58 0.39
C MET A 4 -13.24 -11.18 0.29
N THR A 5 -12.71 -10.69 1.40
CA THR A 5 -12.10 -9.37 1.44
C THR A 5 -10.66 -9.41 0.93
N SER A 6 -10.42 -8.78 -0.21
CA SER A 6 -9.08 -8.75 -0.79
C SER A 6 -8.18 -7.78 -0.04
N GLU A 7 -7.65 -8.23 1.10
CA GLU A 7 -6.78 -7.40 1.91
C GLU A 7 -5.63 -6.85 1.08
N LEU A 8 -5.03 -7.71 0.25
CA LEU A 8 -3.92 -7.30 -0.60
C LEU A 8 -4.30 -6.11 -1.48
N GLN A 9 -5.57 -6.08 -1.89
CA GLN A 9 -6.06 -5.01 -2.74
C GLN A 9 -6.33 -3.75 -1.91
N MET A 10 -6.90 -3.93 -0.73
CA MET A 10 -7.21 -2.82 0.15
C MET A 10 -5.94 -2.09 0.58
N LYS A 11 -4.85 -2.84 0.71
CA LYS A 11 -3.56 -2.27 1.10
C LYS A 11 -3.18 -1.12 0.18
N VAL A 12 -3.35 -1.32 -1.12
CA VAL A 12 -3.02 -0.30 -2.10
C VAL A 12 -4.14 0.73 -2.23
N ASP A 13 -5.35 0.23 -2.43
CA ASP A 13 -6.52 1.11 -2.58
C ASP A 13 -6.60 2.09 -1.42
N PHE A 14 -6.10 1.68 -0.26
CA PHE A 14 -6.11 2.54 0.93
C PHE A 14 -5.27 3.79 0.71
N PHE A 15 -3.95 3.61 0.69
CA PHE A 15 -3.04 4.74 0.49
C PHE A 15 -3.37 5.48 -0.79
N ARG A 16 -3.98 4.78 -1.74
CA ARG A 16 -4.34 5.38 -3.02
C ARG A 16 -5.29 6.56 -2.82
N LYS A 17 -6.05 6.52 -1.72
CA LYS A 17 -6.99 7.58 -1.41
C LYS A 17 -6.35 8.63 -0.50
N LEU A 18 -5.31 8.23 0.22
CA LEU A 18 -4.61 9.13 1.13
C LEU A 18 -4.03 10.32 0.37
N GLY A 19 -3.88 10.17 -0.94
CA GLY A 19 -3.34 11.24 -1.76
C GLY A 19 -2.01 10.88 -2.39
N TYR A 20 -1.77 9.58 -2.54
CA TYR A 20 -0.52 9.11 -3.13
C TYR A 20 -0.75 8.66 -4.58
N SER A 21 0.31 8.15 -5.20
CA SER A 21 0.24 7.68 -6.58
C SER A 21 0.23 6.15 -6.64
N SER A 22 -0.63 5.61 -7.49
CA SER A 22 -0.73 4.16 -7.64
C SER A 22 0.63 3.55 -7.94
N SER A 23 1.39 4.19 -8.81
CA SER A 23 2.71 3.70 -9.18
C SER A 23 3.64 3.69 -7.97
N GLU A 24 3.36 4.54 -7.00
CA GLU A 24 4.17 4.62 -5.79
C GLU A 24 3.81 3.51 -4.82
N ILE A 25 2.52 3.42 -4.48
CA ILE A 25 2.05 2.40 -3.56
C ILE A 25 2.24 1.01 -4.13
N HIS A 26 1.76 0.80 -5.35
CA HIS A 26 1.88 -0.49 -6.02
C HIS A 26 3.34 -0.92 -6.12
N SER A 27 4.23 0.07 -6.12
CA SER A 27 5.66 -0.20 -6.22
C SER A 27 6.21 -0.74 -4.90
N VAL A 28 6.14 0.08 -3.86
CA VAL A 28 6.62 -0.31 -2.53
C VAL A 28 6.00 -1.63 -2.10
N LEU A 29 4.73 -1.81 -2.42
CA LEU A 29 4.02 -3.04 -2.06
C LEU A 29 4.56 -4.23 -2.82
N GLN A 30 5.08 -3.98 -4.02
CA GLN A 30 5.64 -5.04 -4.86
C GLN A 30 7.00 -5.47 -4.33
N LYS A 31 7.71 -4.55 -3.69
CA LYS A 31 9.03 -4.84 -3.14
C LYS A 31 8.92 -5.34 -1.71
N LEU A 32 7.89 -4.90 -1.00
CA LEU A 32 7.68 -5.30 0.38
C LEU A 32 6.86 -6.59 0.45
N GLY A 33 5.67 -6.57 -0.13
CA GLY A 33 4.81 -7.74 -0.12
C GLY A 33 3.73 -7.66 0.94
N VAL A 34 3.47 -8.80 1.58
CA VAL A 34 2.45 -8.85 2.63
C VAL A 34 3.07 -8.72 4.01
N GLN A 35 4.36 -9.05 4.11
CA GLN A 35 5.07 -8.98 5.38
C GLN A 35 5.19 -7.53 5.85
N ALA A 36 5.02 -6.59 4.92
CA ALA A 36 5.11 -5.17 5.24
C ALA A 36 4.22 -4.83 6.43
N ASP A 37 4.37 -3.61 6.95
CA ASP A 37 3.58 -3.15 8.07
C ASP A 37 3.06 -1.74 7.83
N THR A 38 2.03 -1.36 8.59
CA THR A 38 1.44 -0.03 8.45
C THR A 38 2.50 1.05 8.54
N ASN A 39 3.55 0.79 9.31
CA ASN A 39 4.64 1.74 9.49
C ASN A 39 5.61 1.69 8.30
N THR A 40 5.98 0.48 7.90
CA THR A 40 6.90 0.30 6.78
C THR A 40 6.43 1.06 5.55
N VAL A 41 5.16 0.85 5.19
CA VAL A 41 4.58 1.52 4.02
C VAL A 41 4.81 3.03 4.09
N LEU A 42 4.33 3.65 5.17
CA LEU A 42 4.48 5.09 5.36
C LEU A 42 5.93 5.51 5.19
N GLY A 43 6.83 4.80 5.87
CA GLY A 43 8.24 5.12 5.80
C GLY A 43 8.75 5.17 4.37
N GLU A 44 8.41 4.14 3.59
CA GLU A 44 8.84 4.07 2.19
C GLU A 44 8.48 5.35 1.44
N LEU A 45 7.29 5.87 1.72
CA LEU A 45 6.82 7.10 1.07
C LEU A 45 7.50 8.32 1.68
N VAL A 46 7.86 8.23 2.95
CA VAL A 46 8.52 9.33 3.65
C VAL A 46 9.92 9.55 3.08
N LYS A 47 10.60 8.47 2.73
CA LYS A 47 11.95 8.56 2.18
C LYS A 47 11.91 8.74 0.67
N HIS A 48 11.07 7.95 0.00
CA HIS A 48 10.93 8.03 -1.45
C HIS A 48 10.39 9.39 -1.87
N GLY A 49 9.41 9.90 -1.13
CA GLY A 49 8.82 11.18 -1.44
C GLY A 49 9.70 12.34 -1.01
N GLY A 1 -12.78 -10.12 7.33
CA GLY A 1 -12.53 -10.92 6.14
C GLY A 1 -13.73 -10.95 5.21
N PRO A 2 -13.98 -9.83 4.52
CA PRO A 2 -15.10 -9.71 3.58
C PRO A 2 -14.89 -10.55 2.33
N HIS A 3 -15.91 -10.58 1.47
CA HIS A 3 -15.85 -11.35 0.23
C HIS A 3 -15.15 -10.55 -0.87
N MET A 4 -15.28 -9.22 -0.80
CA MET A 4 -14.66 -8.34 -1.79
C MET A 4 -13.53 -7.53 -1.17
N THR A 5 -12.65 -7.00 -2.01
CA THR A 5 -11.52 -6.21 -1.54
C THR A 5 -10.59 -7.04 -0.67
N SER A 6 -9.84 -7.95 -1.30
CA SER A 6 -8.92 -8.80 -0.58
C SER A 6 -7.99 -7.98 0.31
N GLU A 7 -7.44 -8.62 1.33
CA GLU A 7 -6.54 -7.95 2.26
C GLU A 7 -5.32 -7.37 1.52
N LEU A 8 -5.05 -7.91 0.34
CA LEU A 8 -3.92 -7.45 -0.46
C LEU A 8 -4.30 -6.23 -1.28
N GLN A 9 -5.56 -6.18 -1.72
CA GLN A 9 -6.05 -5.06 -2.51
C GLN A 9 -6.34 -3.86 -1.63
N MET A 10 -6.72 -4.12 -0.39
CA MET A 10 -7.04 -3.06 0.56
C MET A 10 -5.77 -2.30 0.97
N LYS A 11 -4.67 -3.03 1.06
CA LYS A 11 -3.39 -2.43 1.43
C LYS A 11 -3.03 -1.28 0.51
N VAL A 12 -3.26 -1.47 -0.79
CA VAL A 12 -2.97 -0.45 -1.79
C VAL A 12 -4.13 0.54 -1.92
N ASP A 13 -5.34 0.00 -2.07
CA ASP A 13 -6.53 0.83 -2.21
C ASP A 13 -6.61 1.86 -1.09
N PHE A 14 -6.07 1.51 0.07
CA PHE A 14 -6.08 2.40 1.22
C PHE A 14 -5.29 3.67 0.93
N PHE A 15 -3.97 3.54 0.89
CA PHE A 15 -3.10 4.69 0.63
C PHE A 15 -3.48 5.36 -0.69
N ARG A 16 -4.09 4.60 -1.58
CA ARG A 16 -4.50 5.12 -2.89
C ARG A 16 -5.50 6.26 -2.72
N LYS A 17 -6.22 6.25 -1.61
CA LYS A 17 -7.21 7.30 -1.33
C LYS A 17 -6.60 8.41 -0.47
N LEU A 18 -5.52 8.08 0.23
CA LEU A 18 -4.84 9.05 1.09
C LEU A 18 -4.32 10.23 0.28
N GLY A 19 -4.17 10.01 -1.03
CA GLY A 19 -3.69 11.07 -1.90
C GLY A 19 -2.34 10.73 -2.52
N TYR A 20 -1.99 9.45 -2.51
CA TYR A 20 -0.71 9.01 -3.07
C TYR A 20 -0.89 8.55 -4.52
N SER A 21 0.21 8.08 -5.11
CA SER A 21 0.19 7.62 -6.50
C SER A 21 0.16 6.10 -6.56
N SER A 22 -0.67 5.56 -7.44
CA SER A 22 -0.79 4.12 -7.61
C SER A 22 0.57 3.49 -7.89
N SER A 23 1.35 4.14 -8.75
CA SER A 23 2.67 3.64 -9.11
C SER A 23 3.59 3.62 -7.89
N GLU A 24 3.31 4.49 -6.92
CA GLU A 24 4.11 4.57 -5.70
C GLU A 24 3.75 3.45 -4.73
N ILE A 25 2.46 3.37 -4.39
CA ILE A 25 1.98 2.34 -3.48
C ILE A 25 2.18 0.94 -4.06
N HIS A 26 1.79 0.77 -5.32
CA HIS A 26 1.92 -0.51 -6.00
C HIS A 26 3.40 -0.93 -6.07
N SER A 27 4.29 0.06 -6.11
CA SER A 27 5.72 -0.21 -6.21
C SER A 27 6.25 -0.74 -4.88
N VAL A 28 6.14 0.07 -3.83
CA VAL A 28 6.60 -0.33 -2.51
C VAL A 28 6.04 -1.69 -2.10
N LEU A 29 4.77 -1.91 -2.41
CA LEU A 29 4.11 -3.17 -2.08
C LEU A 29 4.67 -4.32 -2.93
N GLN A 30 5.06 -4.00 -4.16
CA GLN A 30 5.62 -5.00 -5.06
C GLN A 30 6.89 -5.61 -4.48
N LYS A 31 7.63 -4.81 -3.70
CA LYS A 31 8.86 -5.27 -3.09
C LYS A 31 8.62 -5.75 -1.67
N LEU A 32 7.96 -4.91 -0.87
CA LEU A 32 7.67 -5.25 0.52
C LEU A 32 6.84 -6.53 0.60
N GLY A 33 5.71 -6.55 -0.09
CA GLY A 33 4.85 -7.72 -0.09
C GLY A 33 3.82 -7.68 1.01
N VAL A 34 3.63 -8.80 1.70
CA VAL A 34 2.67 -8.90 2.79
C VAL A 34 3.34 -8.71 4.14
N GLN A 35 4.66 -8.95 4.18
CA GLN A 35 5.42 -8.81 5.41
C GLN A 35 5.46 -7.36 5.87
N ALA A 36 5.19 -6.44 4.95
CA ALA A 36 5.19 -5.02 5.26
C ALA A 36 4.33 -4.72 6.47
N ASP A 37 4.42 -3.49 6.97
CA ASP A 37 3.65 -3.07 8.14
C ASP A 37 3.10 -1.66 7.94
N THR A 38 2.28 -1.21 8.89
CA THR A 38 1.69 0.11 8.83
C THR A 38 2.76 1.19 8.77
N ASN A 39 3.82 1.01 9.56
CA ASN A 39 4.92 1.98 9.59
C ASN A 39 5.80 1.83 8.35
N THR A 40 6.09 0.60 7.97
CA THR A 40 6.92 0.32 6.81
C THR A 40 6.41 1.08 5.59
N VAL A 41 5.14 0.87 5.25
CA VAL A 41 4.53 1.53 4.10
C VAL A 41 4.76 3.04 4.15
N LEU A 42 4.35 3.65 5.25
CA LEU A 42 4.51 5.10 5.42
C LEU A 42 5.96 5.51 5.23
N GLY A 43 6.87 4.81 5.91
CA GLY A 43 8.28 5.12 5.80
C GLY A 43 8.75 5.16 4.36
N GLU A 44 8.37 4.15 3.59
CA GLU A 44 8.76 4.08 2.19
C GLU A 44 8.37 5.34 1.44
N LEU A 45 7.17 5.84 1.71
CA LEU A 45 6.68 7.05 1.07
C LEU A 45 7.38 8.29 1.62
N VAL A 46 7.78 8.22 2.89
CA VAL A 46 8.47 9.34 3.53
C VAL A 46 9.82 9.60 2.88
N LYS A 47 10.39 8.56 2.29
CA LYS A 47 11.70 8.66 1.63
C LYS A 47 11.53 8.73 0.12
N HIS A 48 10.98 7.67 -0.46
CA HIS A 48 10.76 7.61 -1.91
C HIS A 48 9.44 8.29 -2.28
N GLY A 49 9.42 9.61 -2.20
CA GLY A 49 8.22 10.36 -2.53
C GLY A 49 8.35 11.09 -3.86
N GLY A 1 -24.62 -9.81 1.98
CA GLY A 1 -23.46 -9.23 1.35
C GLY A 1 -22.36 -10.24 1.10
N PRO A 2 -21.35 -9.85 0.30
CA PRO A 2 -20.22 -10.73 -0.04
C PRO A 2 -19.31 -10.98 1.16
N HIS A 3 -18.95 -12.24 1.37
CA HIS A 3 -18.08 -12.61 2.47
C HIS A 3 -16.64 -12.81 1.99
N MET A 4 -16.16 -11.86 1.18
CA MET A 4 -14.81 -11.91 0.65
C MET A 4 -14.15 -10.54 0.69
N THR A 5 -13.10 -10.42 1.48
CA THR A 5 -12.38 -9.15 1.61
C THR A 5 -10.97 -9.26 1.03
N SER A 6 -10.69 -8.47 0.01
CA SER A 6 -9.38 -8.48 -0.63
C SER A 6 -8.40 -7.56 0.11
N GLU A 7 -7.84 -8.07 1.19
CA GLU A 7 -6.89 -7.29 1.99
C GLU A 7 -5.76 -6.75 1.12
N LEU A 8 -5.19 -7.62 0.29
CA LEU A 8 -4.10 -7.24 -0.60
C LEU A 8 -4.49 -6.03 -1.45
N GLN A 9 -5.77 -5.92 -1.78
CA GLN A 9 -6.26 -4.82 -2.58
C GLN A 9 -6.48 -3.58 -1.72
N MET A 10 -6.98 -3.78 -0.51
CA MET A 10 -7.22 -2.67 0.41
C MET A 10 -5.92 -1.99 0.81
N LYS A 11 -4.85 -2.78 0.93
CA LYS A 11 -3.55 -2.25 1.30
C LYS A 11 -3.15 -1.10 0.36
N VAL A 12 -3.35 -1.31 -0.94
CA VAL A 12 -3.01 -0.30 -1.93
C VAL A 12 -4.15 0.69 -2.13
N ASP A 13 -5.35 0.16 -2.31
CA ASP A 13 -6.54 0.99 -2.51
C ASP A 13 -6.65 2.04 -1.41
N PHE A 14 -6.16 1.70 -0.21
CA PHE A 14 -6.21 2.60 0.93
C PHE A 14 -5.40 3.87 0.65
N PHE A 15 -4.07 3.73 0.67
CA PHE A 15 -3.19 4.85 0.42
C PHE A 15 -3.52 5.53 -0.90
N ARG A 16 -4.09 4.77 -1.82
CA ARG A 16 -4.47 5.29 -3.12
C ARG A 16 -5.44 6.46 -2.99
N LYS A 17 -6.20 6.47 -1.90
CA LYS A 17 -7.18 7.52 -1.65
C LYS A 17 -6.58 8.61 -0.78
N LEU A 18 -5.53 8.27 -0.04
CA LEU A 18 -4.87 9.23 0.84
C LEU A 18 -4.31 10.40 0.04
N GLY A 19 -4.14 10.20 -1.26
CA GLY A 19 -3.62 11.25 -2.11
C GLY A 19 -2.26 10.90 -2.70
N TYR A 20 -1.93 9.61 -2.69
CA TYR A 20 -0.65 9.14 -3.23
C TYR A 20 -0.80 8.68 -4.67
N SER A 21 0.29 8.19 -5.25
CA SER A 21 0.27 7.72 -6.63
C SER A 21 0.28 6.19 -6.67
N SER A 22 -0.55 5.63 -7.55
CA SER A 22 -0.64 4.18 -7.70
C SER A 22 0.73 3.57 -7.96
N SER A 23 1.49 4.21 -8.83
CA SER A 23 2.83 3.72 -9.18
C SER A 23 3.73 3.70 -7.94
N GLU A 24 3.42 4.53 -6.97
CA GLU A 24 4.20 4.61 -5.74
C GLU A 24 3.79 3.50 -4.77
N ILE A 25 2.50 3.47 -4.42
CA ILE A 25 1.99 2.47 -3.50
C ILE A 25 2.18 1.07 -4.06
N HIS A 26 2.06 0.93 -5.37
CA HIS A 26 2.22 -0.37 -6.03
C HIS A 26 3.70 -0.75 -6.11
N SER A 27 4.56 0.26 -6.12
CA SER A 27 6.00 0.03 -6.20
C SER A 27 6.54 -0.47 -4.86
N VAL A 28 6.25 0.25 -3.79
CA VAL A 28 6.71 -0.12 -2.46
C VAL A 28 6.15 -1.49 -2.05
N LEU A 29 4.92 -1.76 -2.48
CA LEU A 29 4.28 -3.04 -2.15
C LEU A 29 4.87 -4.18 -2.98
N GLN A 30 5.26 -3.86 -4.22
CA GLN A 30 5.85 -4.85 -5.10
C GLN A 30 7.16 -5.38 -4.54
N LYS A 31 7.83 -4.56 -3.74
CA LYS A 31 9.11 -4.94 -3.15
C LYS A 31 8.90 -5.50 -1.74
N LEU A 32 8.15 -4.77 -0.92
CA LEU A 32 7.88 -5.19 0.45
C LEU A 32 7.06 -6.49 0.46
N GLY A 33 5.92 -6.47 -0.19
CA GLY A 33 5.07 -7.65 -0.25
C GLY A 33 4.00 -7.64 0.83
N VAL A 34 3.78 -8.80 1.45
CA VAL A 34 2.78 -8.92 2.50
C VAL A 34 3.43 -8.81 3.88
N GLN A 35 4.73 -9.06 3.95
CA GLN A 35 5.46 -8.99 5.20
C GLN A 35 5.50 -7.56 5.73
N ALA A 36 5.29 -6.60 4.84
CA ALA A 36 5.29 -5.19 5.22
C ALA A 36 4.37 -4.93 6.41
N ASP A 37 4.47 -3.74 6.98
CA ASP A 37 3.63 -3.37 8.12
C ASP A 37 2.96 -2.02 7.88
N THR A 38 2.26 -1.53 8.91
CA THR A 38 1.57 -0.25 8.81
C THR A 38 2.55 0.91 8.82
N ASN A 39 3.68 0.74 9.50
CA ASN A 39 4.71 1.77 9.58
C ASN A 39 5.66 1.68 8.39
N THR A 40 5.93 0.45 7.95
CA THR A 40 6.83 0.22 6.83
C THR A 40 6.35 0.94 5.58
N VAL A 41 5.09 0.72 5.21
CA VAL A 41 4.52 1.36 4.04
C VAL A 41 4.72 2.87 4.07
N LEU A 42 4.30 3.49 5.17
CA LEU A 42 4.44 4.94 5.34
C LEU A 42 5.89 5.37 5.15
N GLY A 43 6.79 4.70 5.86
CA GLY A 43 8.21 5.02 5.77
C GLY A 43 8.70 5.03 4.34
N GLU A 44 8.36 4.00 3.58
CA GLU A 44 8.78 3.90 2.19
C GLU A 44 8.43 5.17 1.42
N LEU A 45 7.24 5.72 1.71
CA LEU A 45 6.78 6.93 1.05
C LEU A 45 7.43 8.17 1.67
N VAL A 46 7.70 8.09 2.97
CA VAL A 46 8.31 9.20 3.69
C VAL A 46 9.74 9.43 3.23
N LYS A 47 10.38 8.38 2.73
CA LYS A 47 11.76 8.46 2.24
C LYS A 47 11.79 8.56 0.73
N HIS A 48 11.05 7.68 0.06
CA HIS A 48 11.00 7.68 -1.41
C HIS A 48 10.09 8.80 -1.91
N GLY A 49 8.83 8.77 -1.51
CA GLY A 49 7.89 9.79 -1.94
C GLY A 49 7.98 11.06 -1.11
N GLY A 1 -24.47 -10.87 -4.44
CA GLY A 1 -23.78 -11.80 -3.57
C GLY A 1 -23.08 -11.09 -2.42
N PRO A 2 -22.33 -11.87 -1.62
CA PRO A 2 -21.60 -11.32 -0.46
C PRO A 2 -20.43 -10.45 -0.88
N HIS A 3 -20.20 -9.37 -0.12
CA HIS A 3 -19.11 -8.45 -0.41
C HIS A 3 -17.85 -8.85 0.36
N MET A 4 -16.72 -8.86 -0.33
CA MET A 4 -15.44 -9.21 0.28
C MET A 4 -14.31 -8.38 -0.30
N THR A 5 -13.56 -7.71 0.57
CA THR A 5 -12.43 -6.88 0.14
C THR A 5 -11.11 -7.56 0.44
N SER A 6 -10.39 -7.95 -0.60
CA SER A 6 -9.10 -8.62 -0.44
C SER A 6 -8.13 -7.72 0.32
N GLU A 7 -7.59 -8.25 1.42
CA GLU A 7 -6.65 -7.50 2.24
C GLU A 7 -5.50 -6.96 1.39
N LEU A 8 -5.10 -7.73 0.39
CA LEU A 8 -4.01 -7.32 -0.51
C LEU A 8 -4.43 -6.14 -1.37
N GLN A 9 -5.71 -6.10 -1.73
CA GLN A 9 -6.22 -5.01 -2.56
C GLN A 9 -6.50 -3.77 -1.71
N MET A 10 -6.84 -3.98 -0.45
CA MET A 10 -7.14 -2.88 0.46
C MET A 10 -5.85 -2.15 0.85
N LYS A 11 -4.76 -2.91 1.02
CA LYS A 11 -3.48 -2.33 1.39
C LYS A 11 -3.10 -1.19 0.44
N VAL A 12 -3.31 -1.42 -0.85
CA VAL A 12 -2.98 -0.41 -1.85
C VAL A 12 -4.14 0.55 -2.06
N ASP A 13 -5.33 0.01 -2.24
CA ASP A 13 -6.53 0.83 -2.44
C ASP A 13 -6.66 1.87 -1.34
N PHE A 14 -6.16 1.54 -0.16
CA PHE A 14 -6.23 2.45 0.97
C PHE A 14 -5.42 3.73 0.70
N PHE A 15 -4.10 3.61 0.72
CA PHE A 15 -3.23 4.74 0.48
C PHE A 15 -3.56 5.42 -0.85
N ARG A 16 -4.13 4.64 -1.77
CA ARG A 16 -4.50 5.16 -3.07
C ARG A 16 -5.49 6.32 -2.94
N LYS A 17 -6.24 6.32 -1.85
CA LYS A 17 -7.24 7.36 -1.60
C LYS A 17 -6.64 8.47 -0.73
N LEU A 18 -5.60 8.13 0.02
CA LEU A 18 -4.93 9.09 0.89
C LEU A 18 -4.39 10.27 0.09
N GLY A 19 -4.21 10.06 -1.21
CA GLY A 19 -3.70 11.12 -2.05
C GLY A 19 -2.35 10.77 -2.65
N TYR A 20 -2.01 9.50 -2.65
CA TYR A 20 -0.74 9.03 -3.19
C TYR A 20 -0.89 8.56 -4.63
N SER A 21 0.21 8.08 -5.22
CA SER A 21 0.19 7.60 -6.59
C SER A 21 0.18 6.07 -6.63
N SER A 22 -0.64 5.50 -7.50
CA SER A 22 -0.74 4.05 -7.63
C SER A 22 0.63 3.44 -7.91
N SER A 23 1.39 4.07 -8.79
CA SER A 23 2.73 3.59 -9.14
C SER A 23 3.64 3.58 -7.92
N GLU A 24 3.34 4.44 -6.95
CA GLU A 24 4.13 4.53 -5.74
C GLU A 24 3.74 3.43 -4.75
N ILE A 25 2.47 3.40 -4.38
CA ILE A 25 1.97 2.40 -3.43
C ILE A 25 2.18 0.99 -3.98
N HIS A 26 2.11 0.84 -5.29
CA HIS A 26 2.30 -0.45 -5.94
C HIS A 26 3.78 -0.80 -6.04
N SER A 27 4.63 0.23 -6.07
CA SER A 27 6.06 0.03 -6.17
C SER A 27 6.64 -0.45 -4.84
N VAL A 28 6.23 0.20 -3.76
CA VAL A 28 6.70 -0.15 -2.43
C VAL A 28 6.17 -1.51 -2.00
N LEU A 29 4.95 -1.81 -2.41
CA LEU A 29 4.32 -3.09 -2.07
C LEU A 29 4.92 -4.22 -2.89
N GLN A 30 5.27 -3.91 -4.13
CA GLN A 30 5.85 -4.91 -5.03
C GLN A 30 7.21 -5.39 -4.51
N LYS A 31 7.87 -4.54 -3.73
CA LYS A 31 9.18 -4.87 -3.18
C LYS A 31 9.04 -5.44 -1.77
N LEU A 32 8.22 -4.78 -0.95
CA LEU A 32 8.00 -5.22 0.42
C LEU A 32 7.22 -6.53 0.45
N GLY A 33 6.03 -6.53 -0.14
CA GLY A 33 5.21 -7.73 -0.17
C GLY A 33 4.09 -7.68 0.84
N VAL A 34 3.82 -8.82 1.47
CA VAL A 34 2.76 -8.91 2.46
C VAL A 34 3.32 -8.80 3.88
N GLN A 35 4.61 -9.12 4.02
CA GLN A 35 5.26 -9.04 5.32
C GLN A 35 5.36 -7.61 5.81
N ALA A 36 5.20 -6.66 4.88
CA ALA A 36 5.26 -5.24 5.23
C ALA A 36 4.34 -4.91 6.38
N ASP A 37 4.47 -3.70 6.92
CA ASP A 37 3.65 -3.25 8.03
C ASP A 37 3.17 -1.82 7.82
N THR A 38 2.26 -1.38 8.68
CA THR A 38 1.72 -0.03 8.59
C THR A 38 2.84 1.02 8.59
N ASN A 39 3.84 0.81 9.45
CA ASN A 39 4.96 1.73 9.53
C ASN A 39 5.86 1.61 8.30
N THR A 40 6.19 0.39 7.93
CA THR A 40 7.04 0.15 6.76
C THR A 40 6.50 0.88 5.53
N VAL A 41 5.24 0.64 5.20
CA VAL A 41 4.62 1.28 4.06
C VAL A 41 4.80 2.80 4.10
N LEU A 42 4.32 3.41 5.17
CA LEU A 42 4.43 4.86 5.33
C LEU A 42 5.88 5.32 5.16
N GLY A 43 6.79 4.64 5.85
CA GLY A 43 8.19 4.99 5.76
C GLY A 43 8.68 5.06 4.32
N GLU A 44 8.37 4.03 3.55
CA GLU A 44 8.78 3.97 2.14
C GLU A 44 8.38 5.25 1.41
N LEU A 45 7.18 5.74 1.69
CA LEU A 45 6.67 6.95 1.05
C LEU A 45 7.30 8.19 1.67
N VAL A 46 7.61 8.11 2.97
CA VAL A 46 8.22 9.22 3.68
C VAL A 46 9.64 9.47 3.20
N LYS A 47 10.27 8.42 2.66
CA LYS A 47 11.64 8.54 2.16
C LYS A 47 11.65 8.62 0.64
N HIS A 48 10.61 8.06 0.01
CA HIS A 48 10.51 8.08 -1.45
C HIS A 48 9.33 8.94 -1.89
N GLY A 49 9.30 10.18 -1.43
CA GLY A 49 8.23 11.08 -1.80
C GLY A 49 8.55 11.90 -3.03
N GLY A 1 -11.62 -8.98 9.30
CA GLY A 1 -12.22 -10.13 9.95
C GLY A 1 -12.61 -11.21 8.97
N PRO A 2 -13.66 -10.95 8.19
CA PRO A 2 -14.16 -11.90 7.19
C PRO A 2 -13.21 -12.07 6.01
N HIS A 3 -13.32 -13.19 5.31
CA HIS A 3 -12.46 -13.48 4.16
C HIS A 3 -13.17 -13.14 2.86
N MET A 4 -13.72 -11.94 2.78
CA MET A 4 -14.43 -11.49 1.58
C MET A 4 -13.61 -10.47 0.80
N THR A 5 -13.17 -9.42 1.49
CA THR A 5 -12.37 -8.37 0.87
C THR A 5 -10.91 -8.79 0.74
N SER A 6 -10.28 -8.40 -0.36
CA SER A 6 -8.89 -8.74 -0.61
C SER A 6 -7.96 -7.82 0.17
N GLU A 7 -7.39 -8.35 1.27
CA GLU A 7 -6.49 -7.57 2.11
C GLU A 7 -5.38 -6.94 1.27
N LEU A 8 -4.88 -7.69 0.30
CA LEU A 8 -3.81 -7.22 -0.57
C LEU A 8 -4.27 -6.01 -1.39
N GLN A 9 -5.55 -6.00 -1.73
CA GLN A 9 -6.12 -4.90 -2.51
C GLN A 9 -6.35 -3.68 -1.64
N MET A 10 -6.93 -3.89 -0.46
CA MET A 10 -7.20 -2.80 0.47
C MET A 10 -5.91 -2.08 0.86
N LYS A 11 -4.83 -2.85 1.02
CA LYS A 11 -3.54 -2.30 1.40
C LYS A 11 -3.14 -1.16 0.45
N VAL A 12 -3.38 -1.37 -0.84
CA VAL A 12 -3.04 -0.36 -1.84
C VAL A 12 -4.18 0.65 -2.00
N ASP A 13 -5.39 0.15 -2.17
CA ASP A 13 -6.56 1.01 -2.33
C ASP A 13 -6.64 2.04 -1.21
N PHE A 14 -6.12 1.67 -0.04
CA PHE A 14 -6.14 2.56 1.11
C PHE A 14 -5.33 3.82 0.84
N PHE A 15 -4.01 3.67 0.77
CA PHE A 15 -3.12 4.79 0.51
C PHE A 15 -3.46 5.47 -0.81
N ARG A 16 -4.11 4.72 -1.70
CA ARG A 16 -4.50 5.24 -3.01
C ARG A 16 -5.48 6.39 -2.86
N LYS A 17 -6.21 6.41 -1.75
CA LYS A 17 -7.20 7.45 -1.48
C LYS A 17 -6.58 8.56 -0.62
N LEU A 18 -5.51 8.23 0.09
CA LEU A 18 -4.84 9.20 0.95
C LEU A 18 -4.31 10.37 0.14
N GLY A 19 -4.14 10.15 -1.17
CA GLY A 19 -3.64 11.19 -2.04
C GLY A 19 -2.29 10.86 -2.64
N TYR A 20 -1.97 9.57 -2.66
CA TYR A 20 -0.69 9.12 -3.20
C TYR A 20 -0.84 8.64 -4.65
N SER A 21 0.26 8.17 -5.23
CA SER A 21 0.23 7.69 -6.61
C SER A 21 0.20 6.16 -6.65
N SER A 22 -0.63 5.62 -7.53
CA SER A 22 -0.76 4.17 -7.67
C SER A 22 0.60 3.53 -7.94
N SER A 23 1.39 4.15 -8.81
CA SER A 23 2.70 3.64 -9.15
C SER A 23 3.61 3.61 -7.93
N GLU A 24 3.33 4.48 -6.97
CA GLU A 24 4.12 4.56 -5.75
C GLU A 24 3.73 3.46 -4.77
N ILE A 25 2.44 3.42 -4.43
CA ILE A 25 1.93 2.41 -3.51
C ILE A 25 2.12 1.00 -4.06
N HIS A 26 1.95 0.85 -5.37
CA HIS A 26 2.12 -0.44 -6.03
C HIS A 26 3.58 -0.83 -6.09
N SER A 27 4.47 0.16 -6.06
CA SER A 27 5.90 -0.08 -6.11
C SER A 27 6.42 -0.62 -4.78
N VAL A 28 6.27 0.19 -3.74
CA VAL A 28 6.72 -0.20 -2.40
C VAL A 28 6.14 -1.56 -2.01
N LEU A 29 4.93 -1.83 -2.45
CA LEU A 29 4.27 -3.10 -2.14
C LEU A 29 4.80 -4.22 -3.03
N GLN A 30 5.18 -3.87 -4.25
CA GLN A 30 5.72 -4.85 -5.19
C GLN A 30 7.02 -5.43 -4.68
N LYS A 31 7.74 -4.67 -3.86
CA LYS A 31 9.02 -5.11 -3.31
C LYS A 31 8.83 -5.64 -1.89
N LEU A 32 8.01 -4.94 -1.10
CA LEU A 32 7.75 -5.34 0.28
C LEU A 32 6.96 -6.65 0.32
N GLY A 33 5.79 -6.65 -0.30
CA GLY A 33 4.96 -7.85 -0.32
C GLY A 33 3.92 -7.84 0.78
N VAL A 34 3.78 -8.96 1.48
CA VAL A 34 2.81 -9.09 2.55
C VAL A 34 3.46 -8.85 3.91
N GLN A 35 4.78 -9.02 3.96
CA GLN A 35 5.52 -8.83 5.20
C GLN A 35 5.49 -7.36 5.64
N ALA A 36 5.24 -6.47 4.69
CA ALA A 36 5.17 -5.04 4.98
C ALA A 36 4.22 -4.76 6.14
N ASP A 37 4.25 -3.53 6.63
CA ASP A 37 3.39 -3.13 7.74
C ASP A 37 2.88 -1.70 7.55
N THR A 38 1.80 -1.37 8.24
CA THR A 38 1.22 -0.04 8.15
C THR A 38 2.27 1.05 8.39
N ASN A 39 3.28 0.71 9.19
CA ASN A 39 4.35 1.65 9.50
C ASN A 39 5.38 1.70 8.37
N THR A 40 5.87 0.54 7.98
CA THR A 40 6.87 0.43 6.92
C THR A 40 6.39 1.16 5.67
N VAL A 41 5.14 0.92 5.29
CA VAL A 41 4.56 1.55 4.10
C VAL A 41 4.75 3.07 4.15
N LEU A 42 4.31 3.68 5.23
CA LEU A 42 4.43 5.13 5.40
C LEU A 42 5.87 5.58 5.21
N GLY A 43 6.79 4.93 5.92
CA GLY A 43 8.19 5.28 5.81
C GLY A 43 8.69 5.25 4.38
N GLU A 44 8.30 4.21 3.64
CA GLU A 44 8.71 4.07 2.25
C GLU A 44 8.36 5.32 1.45
N LEU A 45 7.20 5.89 1.74
CA LEU A 45 6.75 7.10 1.04
C LEU A 45 7.39 8.34 1.63
N VAL A 46 7.73 8.28 2.92
CA VAL A 46 8.36 9.41 3.60
C VAL A 46 9.78 9.62 3.13
N LYS A 47 10.48 8.51 2.85
CA LYS A 47 11.86 8.57 2.39
C LYS A 47 11.91 8.48 0.86
N HIS A 48 10.95 7.78 0.29
CA HIS A 48 10.89 7.62 -1.17
C HIS A 48 12.18 6.99 -1.70
N GLY A 49 12.45 5.76 -1.28
CA GLY A 49 13.65 5.07 -1.72
C GLY A 49 14.34 4.33 -0.59
N GLY A 1 -25.00 -0.72 -0.19
CA GLY A 1 -24.52 -1.11 1.13
C GLY A 1 -23.01 -1.18 1.19
N PRO A 2 -22.48 -1.59 2.36
CA PRO A 2 -21.03 -1.70 2.58
C PRO A 2 -20.41 -2.85 1.78
N HIS A 3 -19.38 -2.54 1.01
CA HIS A 3 -18.70 -3.55 0.20
C HIS A 3 -17.34 -3.89 0.80
N MET A 4 -16.86 -5.10 0.50
CA MET A 4 -15.57 -5.55 1.01
C MET A 4 -14.64 -5.93 -0.14
N THR A 5 -13.36 -6.14 0.18
CA THR A 5 -12.37 -6.49 -0.82
C THR A 5 -11.21 -7.26 -0.20
N SER A 6 -10.41 -7.90 -1.04
CA SER A 6 -9.25 -8.67 -0.57
C SER A 6 -8.34 -7.80 0.28
N GLU A 7 -7.89 -8.37 1.41
CA GLU A 7 -7.01 -7.64 2.32
C GLU A 7 -5.80 -7.08 1.56
N LEU A 8 -5.34 -7.82 0.57
CA LEU A 8 -4.19 -7.40 -0.23
C LEU A 8 -4.53 -6.18 -1.08
N GLN A 9 -5.77 -6.13 -1.56
CA GLN A 9 -6.22 -5.02 -2.39
C GLN A 9 -6.42 -3.76 -1.54
N MET A 10 -6.96 -3.94 -0.35
CA MET A 10 -7.21 -2.82 0.56
C MET A 10 -5.89 -2.13 0.93
N LYS A 11 -4.82 -2.91 1.04
CA LYS A 11 -3.52 -2.37 1.39
C LYS A 11 -3.13 -1.23 0.45
N VAL A 12 -3.33 -1.45 -0.84
CA VAL A 12 -3.01 -0.44 -1.85
C VAL A 12 -4.17 0.53 -2.05
N ASP A 13 -5.36 -0.01 -2.23
CA ASP A 13 -6.55 0.80 -2.43
C ASP A 13 -6.68 1.85 -1.34
N PHE A 14 -6.19 1.52 -0.14
CA PHE A 14 -6.25 2.44 1.00
C PHE A 14 -5.46 3.72 0.70
N PHE A 15 -4.14 3.59 0.72
CA PHE A 15 -3.26 4.74 0.46
C PHE A 15 -3.61 5.40 -0.86
N ARG A 16 -4.18 4.61 -1.78
CA ARG A 16 -4.56 5.12 -3.09
C ARG A 16 -5.55 6.27 -2.96
N LYS A 17 -6.31 6.28 -1.87
CA LYS A 17 -7.30 7.32 -1.63
C LYS A 17 -6.72 8.43 -0.77
N LEU A 18 -5.66 8.11 -0.03
CA LEU A 18 -5.01 9.08 0.84
C LEU A 18 -4.47 10.26 0.03
N GLY A 19 -4.29 10.04 -1.27
CA GLY A 19 -3.78 11.09 -2.13
C GLY A 19 -2.42 10.76 -2.71
N TYR A 20 -2.07 9.48 -2.69
CA TYR A 20 -0.78 9.03 -3.21
C TYR A 20 -0.93 8.55 -4.65
N SER A 21 0.18 8.08 -5.23
CA SER A 21 0.18 7.60 -6.60
C SER A 21 0.17 6.07 -6.63
N SER A 22 -0.63 5.51 -7.53
CA SER A 22 -0.74 4.06 -7.66
C SER A 22 0.64 3.44 -7.91
N SER A 23 1.41 4.07 -8.79
CA SER A 23 2.74 3.59 -9.12
C SER A 23 3.64 3.58 -7.89
N GLU A 24 3.33 4.44 -6.93
CA GLU A 24 4.12 4.54 -5.70
C GLU A 24 3.73 3.44 -4.72
N ILE A 25 2.44 3.40 -4.38
CA ILE A 25 1.95 2.39 -3.44
C ILE A 25 2.16 0.98 -3.99
N HIS A 26 1.97 0.83 -5.29
CA HIS A 26 2.15 -0.48 -5.94
C HIS A 26 3.62 -0.85 -6.02
N SER A 27 4.48 0.16 -6.03
CA SER A 27 5.92 -0.07 -6.10
C SER A 27 6.46 -0.58 -4.77
N VAL A 28 6.28 0.22 -3.72
CA VAL A 28 6.74 -0.15 -2.39
C VAL A 28 6.21 -1.51 -1.97
N LEU A 29 4.97 -1.80 -2.39
CA LEU A 29 4.34 -3.08 -2.06
C LEU A 29 4.93 -4.21 -2.88
N GLN A 30 5.31 -3.90 -4.13
CA GLN A 30 5.89 -4.89 -5.02
C GLN A 30 7.23 -5.39 -4.48
N LYS A 31 7.89 -4.55 -3.69
CA LYS A 31 9.19 -4.89 -3.11
C LYS A 31 9.02 -5.46 -1.71
N LEU A 32 8.25 -4.77 -0.88
CA LEU A 32 8.00 -5.21 0.49
C LEU A 32 7.24 -6.53 0.51
N GLY A 33 6.07 -6.54 -0.13
CA GLY A 33 5.27 -7.75 -0.18
C GLY A 33 4.20 -7.77 0.89
N VAL A 34 4.02 -8.94 1.52
CA VAL A 34 3.02 -9.09 2.57
C VAL A 34 3.66 -8.94 3.95
N GLN A 35 4.97 -9.17 4.02
CA GLN A 35 5.69 -9.06 5.28
C GLN A 35 5.71 -7.61 5.77
N ALA A 36 5.43 -6.68 4.87
CA ALA A 36 5.42 -5.27 5.22
C ALA A 36 4.54 -5.00 6.44
N ASP A 37 4.62 -3.79 6.97
CA ASP A 37 3.83 -3.43 8.14
C ASP A 37 3.16 -2.07 7.94
N THR A 38 2.57 -1.53 9.00
CA THR A 38 1.89 -0.25 8.94
C THR A 38 2.90 0.89 8.85
N ASN A 39 4.02 0.74 9.54
CA ASN A 39 5.06 1.77 9.53
C ASN A 39 5.93 1.64 8.28
N THR A 40 6.21 0.42 7.88
CA THR A 40 7.03 0.16 6.70
C THR A 40 6.49 0.91 5.49
N VAL A 41 5.23 0.67 5.16
CA VAL A 41 4.59 1.32 4.01
C VAL A 41 4.77 2.83 4.08
N LEU A 42 4.28 3.43 5.16
CA LEU A 42 4.38 4.88 5.35
C LEU A 42 5.83 5.35 5.18
N GLY A 43 6.75 4.65 5.85
CA GLY A 43 8.16 5.02 5.77
C GLY A 43 8.63 5.12 4.33
N GLU A 44 8.35 4.09 3.54
CA GLU A 44 8.77 4.08 2.14
C GLU A 44 8.32 5.36 1.42
N LEU A 45 7.10 5.79 1.72
CA LEU A 45 6.56 6.99 1.10
C LEU A 45 7.19 8.24 1.70
N VAL A 46 7.56 8.16 2.97
CA VAL A 46 8.18 9.29 3.66
C VAL A 46 9.57 9.58 3.11
N LYS A 47 10.23 8.53 2.61
CA LYS A 47 11.56 8.67 2.05
C LYS A 47 11.50 8.82 0.53
N HIS A 48 10.88 7.84 -0.13
CA HIS A 48 10.75 7.86 -1.59
C HIS A 48 10.01 9.10 -2.05
N GLY A 49 8.86 9.36 -1.42
CA GLY A 49 8.06 10.52 -1.79
C GLY A 49 6.58 10.28 -1.61
N GLY A 1 -20.31 -6.03 -6.91
CA GLY A 1 -19.23 -6.68 -6.19
C GLY A 1 -19.61 -7.03 -4.77
N PRO A 2 -18.72 -7.75 -4.08
CA PRO A 2 -18.94 -8.16 -2.69
C PRO A 2 -18.89 -6.99 -1.72
N HIS A 3 -19.10 -7.28 -0.44
CA HIS A 3 -19.08 -6.25 0.59
C HIS A 3 -17.67 -5.65 0.73
N MET A 4 -16.73 -6.47 1.18
CA MET A 4 -15.35 -6.02 1.36
C MET A 4 -14.48 -6.47 0.20
N THR A 5 -13.20 -6.12 0.26
CA THR A 5 -12.26 -6.49 -0.80
C THR A 5 -11.09 -7.28 -0.22
N SER A 6 -10.29 -7.87 -1.11
CA SER A 6 -9.13 -8.65 -0.69
C SER A 6 -8.20 -7.84 0.18
N GLU A 7 -7.73 -8.43 1.28
CA GLU A 7 -6.83 -7.75 2.19
C GLU A 7 -5.64 -7.16 1.46
N LEU A 8 -5.18 -7.86 0.42
CA LEU A 8 -4.05 -7.42 -0.37
C LEU A 8 -4.44 -6.24 -1.26
N GLN A 9 -5.65 -6.27 -1.80
CA GLN A 9 -6.14 -5.20 -2.65
C GLN A 9 -6.50 -3.97 -1.84
N MET A 10 -6.83 -4.18 -0.57
CA MET A 10 -7.19 -3.09 0.32
C MET A 10 -5.97 -2.29 0.74
N LYS A 11 -4.86 -3.00 0.94
CA LYS A 11 -3.61 -2.36 1.34
C LYS A 11 -3.26 -1.20 0.41
N VAL A 12 -3.38 -1.45 -0.90
CA VAL A 12 -3.08 -0.43 -1.90
C VAL A 12 -4.23 0.58 -2.02
N ASP A 13 -5.45 0.06 -2.16
CA ASP A 13 -6.62 0.91 -2.29
C ASP A 13 -6.68 1.93 -1.16
N PHE A 14 -6.12 1.56 -0.01
CA PHE A 14 -6.12 2.45 1.15
C PHE A 14 -5.29 3.70 0.88
N PHE A 15 -3.97 3.53 0.84
CA PHE A 15 -3.07 4.65 0.59
C PHE A 15 -3.43 5.36 -0.71
N ARG A 16 -4.07 4.63 -1.62
CA ARG A 16 -4.47 5.19 -2.91
C ARG A 16 -5.42 6.37 -2.71
N LYS A 17 -6.15 6.35 -1.61
CA LYS A 17 -7.10 7.42 -1.30
C LYS A 17 -6.45 8.50 -0.43
N LEU A 18 -5.38 8.13 0.26
CA LEU A 18 -4.66 9.06 1.13
C LEU A 18 -4.11 10.23 0.33
N GLY A 19 -3.99 10.04 -0.99
CA GLY A 19 -3.48 11.09 -1.84
C GLY A 19 -2.16 10.72 -2.49
N TYR A 20 -1.92 9.42 -2.64
CA TYR A 20 -0.69 8.94 -3.25
C TYR A 20 -0.94 8.45 -4.67
N SER A 21 0.12 7.93 -5.30
CA SER A 21 0.02 7.44 -6.68
C SER A 21 0.08 5.92 -6.70
N SER A 22 -0.67 5.31 -7.61
CA SER A 22 -0.70 3.86 -7.74
C SER A 22 0.70 3.31 -7.99
N SER A 23 1.44 3.98 -8.86
CA SER A 23 2.80 3.56 -9.21
C SER A 23 3.70 3.60 -7.98
N GLU A 24 3.29 4.37 -6.98
CA GLU A 24 4.06 4.50 -5.74
C GLU A 24 3.70 3.40 -4.76
N ILE A 25 2.42 3.28 -4.44
CA ILE A 25 1.94 2.27 -3.51
C ILE A 25 2.14 0.87 -4.07
N HIS A 26 1.67 0.65 -5.30
CA HIS A 26 1.80 -0.65 -5.94
C HIS A 26 3.26 -1.06 -6.04
N SER A 27 4.15 -0.08 -6.08
CA SER A 27 5.58 -0.34 -6.18
C SER A 27 6.13 -0.84 -4.85
N VAL A 28 6.05 0.00 -3.82
CA VAL A 28 6.54 -0.35 -2.50
C VAL A 28 5.95 -1.67 -2.03
N LEU A 29 4.67 -1.88 -2.34
CA LEU A 29 3.99 -3.11 -1.95
C LEU A 29 4.56 -4.31 -2.70
N GLN A 30 5.05 -4.08 -3.91
CA GLN A 30 5.62 -5.13 -4.73
C GLN A 30 7.02 -5.48 -4.25
N LYS A 31 7.78 -4.46 -3.84
CA LYS A 31 9.14 -4.67 -3.36
C LYS A 31 9.14 -5.17 -1.92
N LEU A 32 8.10 -4.82 -1.18
CA LEU A 32 7.98 -5.24 0.22
C LEU A 32 7.31 -6.60 0.33
N GLY A 33 6.09 -6.70 -0.21
CA GLY A 33 5.36 -7.95 -0.16
C GLY A 33 4.32 -7.97 0.94
N VAL A 34 4.24 -9.09 1.66
CA VAL A 34 3.28 -9.23 2.75
C VAL A 34 3.92 -8.93 4.10
N GLN A 35 5.25 -9.01 4.16
CA GLN A 35 5.98 -8.73 5.38
C GLN A 35 5.85 -7.26 5.78
N ALA A 36 5.59 -6.41 4.80
CA ALA A 36 5.45 -4.99 5.06
C ALA A 36 4.41 -4.72 6.14
N ASP A 37 4.46 -3.53 6.72
CA ASP A 37 3.52 -3.16 7.78
C ASP A 37 3.04 -1.72 7.60
N THR A 38 2.15 -1.28 8.48
CA THR A 38 1.61 0.07 8.42
C THR A 38 2.73 1.11 8.42
N ASN A 39 3.61 1.02 9.42
CA ASN A 39 4.73 1.95 9.53
C ASN A 39 5.66 1.84 8.32
N THR A 40 5.99 0.60 7.96
CA THR A 40 6.88 0.36 6.83
C THR A 40 6.40 1.09 5.59
N VAL A 41 5.15 0.85 5.20
CA VAL A 41 4.56 1.49 4.04
C VAL A 41 4.74 3.00 4.09
N LEU A 42 4.28 3.60 5.18
CA LEU A 42 4.38 5.04 5.36
C LEU A 42 5.83 5.51 5.21
N GLY A 43 6.75 4.82 5.87
CA GLY A 43 8.16 5.17 5.79
C GLY A 43 8.66 5.21 4.37
N GLU A 44 8.31 4.19 3.59
CA GLU A 44 8.74 4.11 2.19
C GLU A 44 8.35 5.37 1.43
N LEU A 45 7.16 5.88 1.71
CA LEU A 45 6.67 7.10 1.06
C LEU A 45 7.31 8.34 1.67
N VAL A 46 7.65 8.26 2.94
CA VAL A 46 8.28 9.39 3.64
C VAL A 46 9.73 9.55 3.22
N LYS A 47 10.36 8.44 2.84
CA LYS A 47 11.75 8.47 2.41
C LYS A 47 11.86 8.52 0.89
N HIS A 48 10.85 7.97 0.22
CA HIS A 48 10.83 7.96 -1.24
C HIS A 48 9.70 8.84 -1.78
N GLY A 49 9.70 10.11 -1.37
CA GLY A 49 8.68 11.03 -1.81
C GLY A 49 9.03 11.71 -3.12
N GLY A 1 -20.28 -9.38 -9.99
CA GLY A 1 -19.44 -8.40 -9.34
C GLY A 1 -18.63 -9.00 -8.20
N PRO A 2 -17.86 -8.16 -7.51
CA PRO A 2 -17.02 -8.59 -6.38
C PRO A 2 -17.85 -9.00 -5.17
N HIS A 3 -17.18 -9.55 -4.16
CA HIS A 3 -17.85 -9.99 -2.94
C HIS A 3 -17.13 -9.46 -1.71
N MET A 4 -15.89 -9.90 -1.52
CA MET A 4 -15.08 -9.47 -0.39
C MET A 4 -13.83 -8.75 -0.84
N THR A 5 -13.38 -7.78 -0.05
CA THR A 5 -12.18 -7.02 -0.38
C THR A 5 -10.93 -7.70 0.16
N SER A 6 -10.08 -8.16 -0.77
CA SER A 6 -8.85 -8.84 -0.39
C SER A 6 -7.92 -7.91 0.39
N GLU A 7 -7.37 -8.41 1.49
CA GLU A 7 -6.48 -7.62 2.32
C GLU A 7 -5.36 -7.00 1.48
N LEU A 8 -4.90 -7.74 0.48
CA LEU A 8 -3.83 -7.27 -0.40
C LEU A 8 -4.31 -6.08 -1.23
N GLN A 9 -5.58 -6.09 -1.60
CA GLN A 9 -6.15 -5.00 -2.40
C GLN A 9 -6.38 -3.77 -1.54
N MET A 10 -6.88 -3.97 -0.33
CA MET A 10 -7.15 -2.86 0.58
C MET A 10 -5.86 -2.13 0.94
N LYS A 11 -4.78 -2.89 1.11
CA LYS A 11 -3.49 -2.32 1.46
C LYS A 11 -3.11 -1.20 0.48
N VAL A 12 -3.37 -1.44 -0.80
CA VAL A 12 -3.06 -0.45 -1.83
C VAL A 12 -4.21 0.55 -2.00
N ASP A 13 -5.41 0.04 -2.15
CA ASP A 13 -6.59 0.88 -2.33
C ASP A 13 -6.66 1.93 -1.22
N PHE A 14 -6.14 1.58 -0.04
CA PHE A 14 -6.16 2.50 1.09
C PHE A 14 -5.35 3.76 0.78
N PHE A 15 -4.03 3.63 0.75
CA PHE A 15 -3.15 4.75 0.47
C PHE A 15 -3.52 5.42 -0.85
N ARG A 16 -4.13 4.64 -1.74
CA ARG A 16 -4.53 5.16 -3.05
C ARG A 16 -5.51 6.32 -2.89
N LYS A 17 -6.23 6.34 -1.77
CA LYS A 17 -7.20 7.40 -1.50
C LYS A 17 -6.57 8.51 -0.66
N LEU A 18 -5.50 8.16 0.05
CA LEU A 18 -4.81 9.13 0.90
C LEU A 18 -4.27 10.29 0.07
N GLY A 19 -4.13 10.07 -1.24
CA GLY A 19 -3.63 11.11 -2.12
C GLY A 19 -2.28 10.76 -2.69
N TYR A 20 -1.93 9.49 -2.67
CA TYR A 20 -0.65 9.03 -3.20
C TYR A 20 -0.78 8.60 -4.65
N SER A 21 0.33 8.14 -5.23
CA SER A 21 0.34 7.69 -6.62
C SER A 21 0.26 6.17 -6.70
N SER A 22 -0.55 5.67 -7.63
CA SER A 22 -0.72 4.24 -7.80
C SER A 22 0.63 3.56 -8.04
N SER A 23 1.46 4.18 -8.86
CA SER A 23 2.79 3.64 -9.17
C SER A 23 3.66 3.59 -7.92
N GLU A 24 3.37 4.47 -6.97
CA GLU A 24 4.12 4.54 -5.73
C GLU A 24 3.71 3.43 -4.78
N ILE A 25 2.41 3.37 -4.48
CA ILE A 25 1.87 2.36 -3.58
C ILE A 25 2.07 0.95 -4.15
N HIS A 26 1.98 0.84 -5.47
CA HIS A 26 2.15 -0.44 -6.14
C HIS A 26 3.62 -0.84 -6.18
N SER A 27 4.50 0.15 -6.15
CA SER A 27 5.94 -0.10 -6.19
C SER A 27 6.45 -0.57 -4.83
N VAL A 28 6.19 0.22 -3.80
CA VAL A 28 6.61 -0.12 -2.44
C VAL A 28 6.08 -1.48 -2.02
N LEU A 29 4.88 -1.80 -2.47
CA LEU A 29 4.26 -3.09 -2.15
C LEU A 29 4.86 -4.21 -2.98
N GLN A 30 5.26 -3.89 -4.21
CA GLN A 30 5.84 -4.87 -5.10
C GLN A 30 7.15 -5.42 -4.52
N LYS A 31 7.80 -4.62 -3.70
CA LYS A 31 9.06 -5.02 -3.07
C LYS A 31 8.82 -5.56 -1.67
N LEU A 32 8.08 -4.81 -0.86
CA LEU A 32 7.77 -5.22 0.51
C LEU A 32 6.97 -6.51 0.52
N GLY A 33 5.82 -6.49 -0.16
CA GLY A 33 4.97 -7.66 -0.22
C GLY A 33 3.90 -7.66 0.85
N VAL A 34 3.68 -8.81 1.48
CA VAL A 34 2.67 -8.93 2.53
C VAL A 34 3.31 -8.82 3.91
N GLN A 35 4.60 -9.10 3.98
CA GLN A 35 5.32 -9.04 5.25
C GLN A 35 5.40 -7.59 5.75
N ALA A 36 5.17 -6.64 4.86
CA ALA A 36 5.21 -5.23 5.21
C ALA A 36 4.33 -4.94 6.43
N ASP A 37 4.47 -3.74 6.98
CA ASP A 37 3.68 -3.34 8.14
C ASP A 37 3.03 -1.98 7.92
N THR A 38 2.38 -1.47 8.95
CA THR A 38 1.71 -0.18 8.87
C THR A 38 2.70 0.96 8.83
N ASN A 39 3.86 0.75 9.47
CA ASN A 39 4.91 1.77 9.49
C ASN A 39 5.79 1.67 8.27
N THR A 40 6.09 0.45 7.84
CA THR A 40 6.94 0.22 6.68
C THR A 40 6.40 0.97 5.46
N VAL A 41 5.14 0.74 5.13
CA VAL A 41 4.51 1.39 3.99
C VAL A 41 4.71 2.90 4.06
N LEU A 42 4.34 3.49 5.19
CA LEU A 42 4.48 4.94 5.38
C LEU A 42 5.92 5.38 5.19
N GLY A 43 6.84 4.71 5.88
CA GLY A 43 8.25 5.05 5.77
C GLY A 43 8.72 5.09 4.34
N GLU A 44 8.28 4.12 3.53
CA GLU A 44 8.67 4.05 2.14
C GLU A 44 8.30 5.33 1.40
N LEU A 45 7.16 5.91 1.78
CA LEU A 45 6.69 7.14 1.15
C LEU A 45 7.31 8.36 1.81
N VAL A 46 7.66 8.23 3.09
CA VAL A 46 8.26 9.32 3.84
C VAL A 46 9.61 9.70 3.24
N LYS A 47 10.25 8.76 2.55
CA LYS A 47 11.54 9.00 1.93
C LYS A 47 11.45 8.85 0.42
N HIS A 48 10.87 7.74 -0.03
CA HIS A 48 10.73 7.48 -1.46
C HIS A 48 9.26 7.57 -1.88
N GLY A 49 8.65 8.74 -1.66
CA GLY A 49 7.27 8.92 -2.02
C GLY A 49 6.96 10.33 -2.48
N GLY A 1 -22.10 -12.27 9.33
CA GLY A 1 -21.38 -13.53 9.18
C GLY A 1 -19.92 -13.32 8.83
N PRO A 2 -19.15 -14.42 8.83
CA PRO A 2 -17.71 -14.39 8.53
C PRO A 2 -17.45 -14.07 7.06
N HIS A 3 -17.14 -12.81 6.77
CA HIS A 3 -16.86 -12.39 5.41
C HIS A 3 -15.37 -12.14 5.21
N MET A 4 -14.93 -12.10 3.96
CA MET A 4 -13.52 -11.86 3.64
C MET A 4 -13.39 -10.73 2.62
N THR A 5 -12.14 -10.44 2.24
CA THR A 5 -11.87 -9.38 1.28
C THR A 5 -10.42 -9.40 0.84
N SER A 6 -10.15 -8.86 -0.35
CA SER A 6 -8.80 -8.82 -0.88
C SER A 6 -7.93 -7.81 -0.12
N GLU A 7 -7.39 -8.26 1.01
CA GLU A 7 -6.54 -7.39 1.84
C GLU A 7 -5.44 -6.75 1.01
N LEU A 8 -4.79 -7.56 0.18
CA LEU A 8 -3.72 -7.08 -0.68
C LEU A 8 -4.18 -5.91 -1.55
N GLN A 9 -5.45 -5.94 -1.93
CA GLN A 9 -6.03 -4.88 -2.75
C GLN A 9 -6.33 -3.64 -1.92
N MET A 10 -6.95 -3.85 -0.76
CA MET A 10 -7.29 -2.75 0.13
C MET A 10 -6.04 -2.02 0.61
N LYS A 11 -4.98 -2.78 0.85
CA LYS A 11 -3.72 -2.21 1.31
C LYS A 11 -3.27 -1.07 0.39
N VAL A 12 -3.50 -1.23 -0.91
CA VAL A 12 -3.12 -0.22 -1.88
C VAL A 12 -4.22 0.82 -2.05
N ASP A 13 -5.45 0.35 -2.24
CA ASP A 13 -6.59 1.24 -2.41
C ASP A 13 -6.66 2.26 -1.28
N PHE A 14 -6.18 1.87 -0.11
CA PHE A 14 -6.19 2.74 1.06
C PHE A 14 -5.33 3.99 0.80
N PHE A 15 -4.02 3.80 0.71
CA PHE A 15 -3.11 4.90 0.48
C PHE A 15 -3.42 5.60 -0.84
N ARG A 16 -4.08 4.87 -1.74
CA ARG A 16 -4.45 5.42 -3.04
C ARG A 16 -5.40 6.60 -2.89
N LYS A 17 -6.14 6.61 -1.79
CA LYS A 17 -7.11 7.68 -1.52
C LYS A 17 -6.48 8.77 -0.66
N LEU A 18 -5.43 8.40 0.07
CA LEU A 18 -4.73 9.35 0.94
C LEU A 18 -4.15 10.51 0.14
N GLY A 19 -3.99 10.29 -1.16
CA GLY A 19 -3.44 11.32 -2.02
C GLY A 19 -2.07 10.95 -2.58
N TYR A 20 -1.82 9.66 -2.72
CA TYR A 20 -0.55 9.17 -3.24
C TYR A 20 -0.69 8.69 -4.68
N SER A 21 0.40 8.19 -5.24
CA SER A 21 0.40 7.70 -6.61
C SER A 21 0.35 6.17 -6.64
N SER A 22 -0.46 5.64 -7.55
CA SER A 22 -0.60 4.19 -7.68
C SER A 22 0.75 3.53 -7.93
N SER A 23 1.56 4.15 -8.79
CA SER A 23 2.88 3.63 -9.12
C SER A 23 3.77 3.58 -7.88
N GLU A 24 3.46 4.43 -6.91
CA GLU A 24 4.24 4.49 -5.67
C GLU A 24 3.79 3.40 -4.70
N ILE A 25 2.50 3.39 -4.38
CA ILE A 25 1.94 2.41 -3.46
C ILE A 25 2.10 0.99 -4.01
N HIS A 26 1.95 0.85 -5.33
CA HIS A 26 2.07 -0.44 -5.98
C HIS A 26 3.53 -0.88 -6.04
N SER A 27 4.44 0.09 -6.02
CA SER A 27 5.87 -0.19 -6.07
C SER A 27 6.36 -0.75 -4.74
N VAL A 28 6.21 0.05 -3.69
CA VAL A 28 6.65 -0.36 -2.35
C VAL A 28 6.04 -1.70 -1.97
N LEU A 29 4.80 -1.93 -2.40
CA LEU A 29 4.11 -3.18 -2.11
C LEU A 29 4.62 -4.32 -2.99
N GLN A 30 5.02 -3.98 -4.21
CA GLN A 30 5.53 -4.97 -5.15
C GLN A 30 6.84 -5.56 -4.66
N LYS A 31 7.56 -4.80 -3.84
CA LYS A 31 8.83 -5.24 -3.30
C LYS A 31 8.66 -5.78 -1.87
N LEU A 32 7.85 -5.09 -1.08
CA LEU A 32 7.59 -5.50 0.29
C LEU A 32 6.73 -6.76 0.33
N GLY A 33 5.55 -6.68 -0.26
CA GLY A 33 4.64 -7.81 -0.28
C GLY A 33 3.63 -7.78 0.84
N VAL A 34 3.48 -8.91 1.54
CA VAL A 34 2.54 -8.99 2.65
C VAL A 34 3.25 -8.81 3.99
N GLN A 35 4.56 -9.03 3.99
CA GLN A 35 5.35 -8.89 5.20
C GLN A 35 5.40 -7.43 5.65
N ALA A 36 5.15 -6.52 4.71
CA ALA A 36 5.17 -5.09 5.03
C ALA A 36 4.27 -4.78 6.22
N ASP A 37 4.37 -3.56 6.73
CA ASP A 37 3.58 -3.13 7.88
C ASP A 37 3.12 -1.70 7.71
N THR A 38 2.04 -1.33 8.41
CA THR A 38 1.50 0.01 8.34
C THR A 38 2.57 1.06 8.59
N ASN A 39 3.57 0.69 9.39
CA ASN A 39 4.67 1.60 9.71
C ASN A 39 5.68 1.65 8.57
N THR A 40 6.05 0.47 8.06
CA THR A 40 7.02 0.39 6.97
C THR A 40 6.50 1.09 5.72
N VAL A 41 5.24 0.83 5.38
CA VAL A 41 4.63 1.45 4.20
C VAL A 41 4.81 2.96 4.22
N LEU A 42 4.39 3.59 5.32
CA LEU A 42 4.50 5.04 5.46
C LEU A 42 5.94 5.50 5.24
N GLY A 43 6.87 4.88 5.98
CA GLY A 43 8.28 5.24 5.85
C GLY A 43 8.75 5.20 4.41
N GLU A 44 8.34 4.17 3.68
CA GLU A 44 8.73 4.02 2.29
C GLU A 44 8.38 5.27 1.48
N LEU A 45 7.26 5.89 1.82
CA LEU A 45 6.80 7.09 1.14
C LEU A 45 7.41 8.34 1.78
N VAL A 46 7.71 8.25 3.07
CA VAL A 46 8.29 9.38 3.79
C VAL A 46 9.65 9.76 3.22
N LYS A 47 10.31 8.79 2.59
CA LYS A 47 11.62 9.02 1.99
C LYS A 47 11.59 8.76 0.49
N HIS A 48 10.86 7.72 0.09
CA HIS A 48 10.74 7.36 -1.31
C HIS A 48 9.29 7.44 -1.78
N GLY A 49 8.63 8.55 -1.46
CA GLY A 49 7.24 8.73 -1.86
C GLY A 49 7.10 9.66 -3.05
N GLY A 1 -21.87 2.19 -0.33
CA GLY A 1 -21.88 0.95 0.42
C GLY A 1 -20.59 0.70 1.16
N PRO A 2 -20.45 -0.51 1.73
CA PRO A 2 -19.25 -0.89 2.49
C PRO A 2 -18.03 -1.08 1.58
N HIS A 3 -16.91 -1.49 2.18
CA HIS A 3 -15.68 -1.71 1.42
C HIS A 3 -15.20 -3.15 1.58
N MET A 4 -15.77 -4.05 0.78
CA MET A 4 -15.40 -5.46 0.83
C MET A 4 -14.48 -5.81 -0.33
N THR A 5 -13.28 -6.29 0.00
CA THR A 5 -12.30 -6.67 -1.01
C THR A 5 -11.13 -7.43 -0.39
N SER A 6 -10.31 -8.03 -1.24
CA SER A 6 -9.15 -8.79 -0.78
C SER A 6 -8.25 -7.92 0.10
N GLU A 7 -7.80 -8.49 1.21
CA GLU A 7 -6.94 -7.77 2.14
C GLU A 7 -5.72 -7.18 1.40
N LEU A 8 -5.24 -7.90 0.39
CA LEU A 8 -4.10 -7.44 -0.38
C LEU A 8 -4.46 -6.24 -1.23
N GLN A 9 -5.70 -6.20 -1.72
CA GLN A 9 -6.17 -5.10 -2.54
C GLN A 9 -6.44 -3.87 -1.70
N MET A 10 -6.89 -4.08 -0.47
CA MET A 10 -7.19 -2.98 0.44
C MET A 10 -5.92 -2.25 0.84
N LYS A 11 -4.84 -3.00 0.98
CA LYS A 11 -3.54 -2.42 1.36
C LYS A 11 -3.17 -1.27 0.44
N VAL A 12 -3.33 -1.50 -0.87
CA VAL A 12 -3.02 -0.47 -1.86
C VAL A 12 -4.16 0.51 -2.02
N ASP A 13 -5.37 -0.02 -2.21
CA ASP A 13 -6.55 0.82 -2.37
C ASP A 13 -6.65 1.84 -1.25
N PHE A 14 -6.14 1.49 -0.08
CA PHE A 14 -6.18 2.38 1.08
C PHE A 14 -5.38 3.65 0.81
N PHE A 15 -4.05 3.51 0.80
CA PHE A 15 -3.17 4.65 0.55
C PHE A 15 -3.52 5.35 -0.76
N ARG A 16 -4.12 4.59 -1.67
CA ARG A 16 -4.51 5.13 -2.97
C ARG A 16 -5.49 6.28 -2.81
N LYS A 17 -6.24 6.28 -1.71
CA LYS A 17 -7.21 7.32 -1.43
C LYS A 17 -6.61 8.41 -0.56
N LEU A 18 -5.55 8.06 0.16
CA LEU A 18 -4.87 9.01 1.04
C LEU A 18 -4.34 10.20 0.24
N GLY A 19 -4.19 10.01 -1.06
CA GLY A 19 -3.69 11.08 -1.92
C GLY A 19 -2.35 10.74 -2.54
N TYR A 20 -2.02 9.46 -2.57
CA TYR A 20 -0.75 9.00 -3.13
C TYR A 20 -0.94 8.52 -4.57
N SER A 21 0.15 8.04 -5.17
CA SER A 21 0.10 7.55 -6.55
C SER A 21 0.15 6.04 -6.59
N SER A 22 -0.65 5.45 -7.48
CA SER A 22 -0.69 3.99 -7.61
C SER A 22 0.69 3.43 -7.89
N SER A 23 1.43 4.09 -8.77
CA SER A 23 2.77 3.64 -9.14
C SER A 23 3.68 3.63 -7.91
N GLU A 24 3.33 4.43 -6.91
CA GLU A 24 4.12 4.51 -5.69
C GLU A 24 3.73 3.40 -4.72
N ILE A 25 2.45 3.35 -4.36
CA ILE A 25 1.94 2.34 -3.43
C ILE A 25 2.16 0.94 -3.99
N HIS A 26 2.11 0.82 -5.31
CA HIS A 26 2.30 -0.47 -5.97
C HIS A 26 3.78 -0.81 -6.08
N SER A 27 4.63 0.22 -6.07
CA SER A 27 6.07 0.02 -6.17
C SER A 27 6.64 -0.45 -4.84
N VAL A 28 6.17 0.16 -3.75
CA VAL A 28 6.65 -0.20 -2.41
C VAL A 28 6.11 -1.56 -1.99
N LEU A 29 4.88 -1.86 -2.40
CA LEU A 29 4.25 -3.13 -2.06
C LEU A 29 4.85 -4.27 -2.89
N GLN A 30 5.22 -3.97 -4.12
CA GLN A 30 5.82 -4.97 -5.01
C GLN A 30 7.14 -5.47 -4.45
N LYS A 31 7.79 -4.65 -3.65
CA LYS A 31 9.07 -5.02 -3.06
C LYS A 31 8.87 -5.56 -1.65
N LEU A 32 8.12 -4.82 -0.83
CA LEU A 32 7.86 -5.23 0.54
C LEU A 32 7.04 -6.52 0.59
N GLY A 33 5.87 -6.50 -0.06
CA GLY A 33 5.03 -7.68 -0.09
C GLY A 33 3.94 -7.63 0.97
N VAL A 34 3.69 -8.76 1.60
CA VAL A 34 2.67 -8.85 2.64
C VAL A 34 3.29 -8.74 4.03
N GLN A 35 4.57 -9.08 4.14
CA GLN A 35 5.27 -9.01 5.41
C GLN A 35 5.41 -7.57 5.88
N ALA A 36 5.21 -6.63 4.97
CA ALA A 36 5.31 -5.22 5.29
C ALA A 36 4.46 -4.86 6.51
N ASP A 37 4.65 -3.66 7.02
CA ASP A 37 3.90 -3.20 8.18
C ASP A 37 3.39 -1.78 7.98
N THR A 38 2.45 -1.36 8.82
CA THR A 38 1.87 -0.03 8.72
C THR A 38 2.95 1.04 8.74
N ASN A 39 4.03 0.77 9.46
CA ASN A 39 5.14 1.72 9.56
C ASN A 39 6.01 1.66 8.30
N THR A 40 6.37 0.45 7.89
CA THR A 40 7.20 0.25 6.72
C THR A 40 6.62 0.99 5.51
N VAL A 41 5.36 0.73 5.23
CA VAL A 41 4.68 1.37 4.10
C VAL A 41 4.85 2.89 4.14
N LEU A 42 4.43 3.49 5.25
CA LEU A 42 4.53 4.94 5.41
C LEU A 42 5.97 5.40 5.21
N GLY A 43 6.91 4.75 5.89
CA GLY A 43 8.30 5.11 5.77
C GLY A 43 8.77 5.16 4.33
N GLU A 44 8.34 4.18 3.54
CA GLU A 44 8.72 4.11 2.14
C GLU A 44 8.33 5.38 1.40
N LEU A 45 7.14 5.90 1.72
CA LEU A 45 6.65 7.12 1.09
C LEU A 45 7.30 8.36 1.72
N VAL A 46 7.60 8.27 3.00
CA VAL A 46 8.22 9.37 3.72
C VAL A 46 9.55 9.78 3.08
N LYS A 47 10.15 8.84 2.36
CA LYS A 47 11.42 9.09 1.69
C LYS A 47 11.26 8.98 0.17
N HIS A 48 10.87 7.80 -0.29
CA HIS A 48 10.67 7.57 -1.72
C HIS A 48 9.49 8.39 -2.25
N GLY A 49 8.45 8.52 -1.44
CA GLY A 49 7.28 9.27 -1.85
C GLY A 49 7.43 10.75 -1.58
N GLY A 1 -21.69 -14.76 -3.45
CA GLY A 1 -22.56 -13.91 -2.65
C GLY A 1 -21.78 -12.90 -1.83
N PRO A 2 -21.12 -13.38 -0.76
CA PRO A 2 -20.33 -12.52 0.12
C PRO A 2 -19.07 -12.00 -0.55
N HIS A 3 -19.17 -10.80 -1.14
CA HIS A 3 -18.05 -10.19 -1.82
C HIS A 3 -17.08 -9.56 -0.81
N MET A 4 -16.04 -10.31 -0.46
CA MET A 4 -15.05 -9.84 0.50
C MET A 4 -13.93 -9.07 -0.21
N THR A 5 -13.31 -8.14 0.51
CA THR A 5 -12.23 -7.34 -0.05
C THR A 5 -10.87 -7.92 0.31
N SER A 6 -10.10 -8.31 -0.71
CA SER A 6 -8.78 -8.87 -0.50
C SER A 6 -7.87 -7.90 0.24
N GLU A 7 -7.34 -8.34 1.37
CA GLU A 7 -6.45 -7.50 2.18
C GLU A 7 -5.32 -6.94 1.32
N LEU A 8 -4.82 -7.75 0.40
CA LEU A 8 -3.73 -7.34 -0.48
C LEU A 8 -4.17 -6.21 -1.40
N GLN A 9 -5.43 -6.26 -1.83
CA GLN A 9 -5.97 -5.24 -2.72
C GLN A 9 -6.34 -3.98 -1.94
N MET A 10 -6.76 -4.16 -0.69
CA MET A 10 -7.14 -3.05 0.16
C MET A 10 -5.91 -2.25 0.59
N LYS A 11 -4.79 -2.94 0.74
CA LYS A 11 -3.54 -2.30 1.14
C LYS A 11 -3.18 -1.17 0.19
N VAL A 12 -3.42 -1.38 -1.10
CA VAL A 12 -3.12 -0.37 -2.11
C VAL A 12 -4.26 0.64 -2.23
N ASP A 13 -5.47 0.14 -2.41
CA ASP A 13 -6.65 1.00 -2.53
C ASP A 13 -6.72 2.00 -1.38
N PHE A 14 -6.18 1.60 -0.23
CA PHE A 14 -6.18 2.46 0.95
C PHE A 14 -5.35 3.71 0.71
N PHE A 15 -4.03 3.55 0.68
CA PHE A 15 -3.12 4.66 0.47
C PHE A 15 -3.47 5.40 -0.82
N ARG A 16 -4.10 4.68 -1.75
CA ARG A 16 -4.48 5.27 -3.03
C ARG A 16 -5.44 6.45 -2.83
N LYS A 17 -6.18 6.42 -1.72
CA LYS A 17 -7.12 7.48 -1.40
C LYS A 17 -6.48 8.54 -0.51
N LEU A 18 -5.43 8.15 0.19
CA LEU A 18 -4.73 9.07 1.08
C LEU A 18 -4.17 10.26 0.31
N GLY A 19 -4.04 10.10 -1.00
CA GLY A 19 -3.52 11.17 -1.83
C GLY A 19 -2.20 10.81 -2.48
N TYR A 20 -1.91 9.51 -2.55
CA TYR A 20 -0.67 9.04 -3.15
C TYR A 20 -0.89 8.57 -4.58
N SER A 21 0.17 8.13 -5.23
CA SER A 21 0.10 7.65 -6.61
C SER A 21 0.16 6.13 -6.67
N SER A 22 -0.64 5.55 -7.54
CA SER A 22 -0.69 4.09 -7.70
C SER A 22 0.71 3.54 -7.98
N SER A 23 1.44 4.20 -8.87
CA SER A 23 2.78 3.76 -9.25
C SER A 23 3.69 3.77 -8.02
N GLU A 24 3.31 4.53 -7.00
CA GLU A 24 4.10 4.62 -5.78
C GLU A 24 3.72 3.50 -4.80
N ILE A 25 2.43 3.40 -4.51
CA ILE A 25 1.93 2.38 -3.59
C ILE A 25 2.15 0.98 -4.16
N HIS A 26 1.64 0.75 -5.37
CA HIS A 26 1.77 -0.54 -6.03
C HIS A 26 3.23 -0.95 -6.13
N SER A 27 4.12 0.04 -6.13
CA SER A 27 5.55 -0.21 -6.24
C SER A 27 6.11 -0.72 -4.91
N VAL A 28 6.03 0.12 -3.89
CA VAL A 28 6.53 -0.25 -2.56
C VAL A 28 5.93 -1.56 -2.09
N LEU A 29 4.66 -1.78 -2.42
CA LEU A 29 3.97 -3.00 -2.03
C LEU A 29 4.53 -4.21 -2.78
N GLN A 30 5.07 -3.96 -3.97
CA GLN A 30 5.65 -5.03 -4.78
C GLN A 30 7.02 -5.45 -4.23
N LYS A 31 7.74 -4.49 -3.68
CA LYS A 31 9.06 -4.77 -3.11
C LYS A 31 8.95 -5.27 -1.68
N LEU A 32 7.91 -4.82 -0.98
CA LEU A 32 7.69 -5.23 0.41
C LEU A 32 6.91 -6.53 0.47
N GLY A 33 5.71 -6.54 -0.13
CA GLY A 33 4.89 -7.73 -0.12
C GLY A 33 3.85 -7.72 0.98
N VAL A 34 3.66 -8.86 1.63
CA VAL A 34 2.70 -8.98 2.71
C VAL A 34 3.36 -8.84 4.07
N GLN A 35 4.68 -9.08 4.10
CA GLN A 35 5.44 -8.98 5.34
C GLN A 35 5.48 -7.53 5.83
N ALA A 36 5.23 -6.60 4.93
CA ALA A 36 5.24 -5.18 5.27
C ALA A 36 4.37 -4.90 6.49
N ASP A 37 4.47 -3.69 7.01
CA ASP A 37 3.69 -3.29 8.17
C ASP A 37 3.02 -1.94 7.94
N THR A 38 2.44 -1.37 9.01
CA THR A 38 1.77 -0.09 8.92
C THR A 38 2.77 1.05 8.93
N ASN A 39 3.94 0.82 9.51
CA ASN A 39 4.98 1.83 9.59
C ASN A 39 5.90 1.76 8.37
N THR A 40 6.13 0.54 7.89
CA THR A 40 6.99 0.33 6.73
C THR A 40 6.45 1.07 5.51
N VAL A 41 5.19 0.85 5.20
CA VAL A 41 4.55 1.49 4.06
C VAL A 41 4.75 3.00 4.09
N LEU A 42 4.31 3.62 5.17
CA LEU A 42 4.43 5.07 5.34
C LEU A 42 5.88 5.51 5.13
N GLY A 43 6.81 4.83 5.81
CA GLY A 43 8.21 5.17 5.68
C GLY A 43 8.67 5.21 4.24
N GLU A 44 8.29 4.18 3.48
CA GLU A 44 8.68 4.09 2.07
C GLU A 44 8.33 5.39 1.33
N LEU A 45 7.16 5.94 1.64
CA LEU A 45 6.71 7.17 1.00
C LEU A 45 7.38 8.39 1.64
N VAL A 46 7.70 8.27 2.93
CA VAL A 46 8.35 9.36 3.65
C VAL A 46 9.76 9.61 3.13
N LYS A 47 10.48 8.53 2.83
CA LYS A 47 11.84 8.63 2.32
C LYS A 47 11.84 8.62 0.80
N HIS A 48 11.20 7.61 0.21
CA HIS A 48 11.15 7.49 -1.24
C HIS A 48 9.81 7.99 -1.76
N GLY A 49 9.55 9.28 -1.57
CA GLY A 49 8.30 9.87 -2.03
C GLY A 49 8.48 10.71 -3.28
N GLY A 1 -21.39 -5.17 6.15
CA GLY A 1 -21.74 -6.39 5.46
C GLY A 1 -20.52 -7.16 4.98
N PRO A 2 -20.75 -8.14 4.10
CA PRO A 2 -19.68 -8.98 3.55
C PRO A 2 -18.76 -8.20 2.60
N HIS A 3 -17.48 -8.13 2.94
CA HIS A 3 -16.51 -7.42 2.13
C HIS A 3 -15.79 -8.38 1.18
N MET A 4 -15.98 -8.18 -0.13
CA MET A 4 -15.36 -9.02 -1.13
C MET A 4 -13.90 -8.60 -1.37
N THR A 5 -13.62 -7.33 -1.12
CA THR A 5 -12.28 -6.80 -1.30
C THR A 5 -11.24 -7.64 -0.56
N SER A 6 -10.12 -7.91 -1.22
CA SER A 6 -9.06 -8.71 -0.63
C SER A 6 -8.16 -7.85 0.25
N GLU A 7 -7.74 -8.41 1.39
CA GLU A 7 -6.87 -7.68 2.31
C GLU A 7 -5.65 -7.13 1.60
N LEU A 8 -5.19 -7.84 0.58
CA LEU A 8 -4.02 -7.42 -0.19
C LEU A 8 -4.36 -6.23 -1.08
N GLN A 9 -5.60 -6.20 -1.57
CA GLN A 9 -6.04 -5.11 -2.44
C GLN A 9 -6.35 -3.86 -1.63
N MET A 10 -6.79 -4.06 -0.39
CA MET A 10 -7.13 -2.95 0.50
C MET A 10 -5.87 -2.19 0.90
N LYS A 11 -4.78 -2.92 1.10
CA LYS A 11 -3.52 -2.32 1.51
C LYS A 11 -3.14 -1.18 0.56
N VAL A 12 -3.34 -1.40 -0.73
CA VAL A 12 -3.02 -0.40 -1.75
C VAL A 12 -4.17 0.60 -1.92
N ASP A 13 -5.37 0.06 -2.10
CA ASP A 13 -6.56 0.90 -2.28
C ASP A 13 -6.66 1.94 -1.16
N PHE A 14 -6.15 1.58 0.01
CA PHE A 14 -6.18 2.48 1.16
C PHE A 14 -5.40 3.76 0.88
N PHE A 15 -4.08 3.63 0.81
CA PHE A 15 -3.21 4.77 0.55
C PHE A 15 -3.57 5.43 -0.78
N ARG A 16 -4.19 4.66 -1.66
CA ARG A 16 -4.58 5.17 -2.97
C ARG A 16 -5.58 6.31 -2.84
N LYS A 17 -6.32 6.31 -1.73
CA LYS A 17 -7.32 7.34 -1.48
C LYS A 17 -6.74 8.46 -0.63
N LEU A 18 -5.67 8.16 0.10
CA LEU A 18 -5.01 9.15 0.95
C LEU A 18 -4.47 10.31 0.12
N GLY A 19 -4.30 10.08 -1.17
CA GLY A 19 -3.81 11.12 -2.06
C GLY A 19 -2.43 10.80 -2.61
N TYR A 20 -2.12 9.51 -2.72
CA TYR A 20 -0.83 9.07 -3.24
C TYR A 20 -0.96 8.57 -4.68
N SER A 21 0.15 8.11 -5.24
CA SER A 21 0.16 7.60 -6.61
C SER A 21 0.17 6.09 -6.62
N SER A 22 -0.64 5.50 -7.51
CA SER A 22 -0.72 4.05 -7.62
C SER A 22 0.65 3.44 -7.87
N SER A 23 1.42 4.07 -8.73
CA SER A 23 2.76 3.59 -9.07
C SER A 23 3.65 3.60 -7.83
N GLU A 24 3.33 4.45 -6.88
CA GLU A 24 4.11 4.56 -5.64
C GLU A 24 3.72 3.47 -4.66
N ILE A 25 2.42 3.41 -4.34
CA ILE A 25 1.92 2.41 -3.40
C ILE A 25 2.13 0.99 -3.94
N HIS A 26 1.94 0.83 -5.24
CA HIS A 26 2.11 -0.47 -5.88
C HIS A 26 3.58 -0.85 -5.95
N SER A 27 4.45 0.16 -5.94
CA SER A 27 5.89 -0.07 -6.00
C SER A 27 6.42 -0.57 -4.67
N VAL A 28 6.28 0.25 -3.63
CA VAL A 28 6.75 -0.11 -2.29
C VAL A 28 6.19 -1.47 -1.87
N LEU A 29 4.97 -1.76 -2.28
CA LEU A 29 4.33 -3.03 -1.94
C LEU A 29 4.90 -4.16 -2.78
N GLN A 30 5.27 -3.86 -4.02
CA GLN A 30 5.83 -4.85 -4.92
C GLN A 30 7.16 -5.39 -4.38
N LYS A 31 7.86 -4.56 -3.62
CA LYS A 31 9.14 -4.95 -3.04
C LYS A 31 8.94 -5.52 -1.64
N LEU A 32 8.22 -4.79 -0.80
CA LEU A 32 7.96 -5.23 0.57
C LEU A 32 7.15 -6.52 0.59
N GLY A 33 5.98 -6.48 -0.03
CA GLY A 33 5.13 -7.66 -0.08
C GLY A 33 4.02 -7.61 0.95
N VAL A 34 3.74 -8.76 1.58
CA VAL A 34 2.69 -8.85 2.58
C VAL A 34 3.27 -8.75 3.99
N GLN A 35 4.54 -9.13 4.12
CA GLN A 35 5.22 -9.09 5.42
C GLN A 35 5.38 -7.65 5.90
N ALA A 36 5.21 -6.70 4.98
CA ALA A 36 5.34 -5.29 5.32
C ALA A 36 4.48 -4.93 6.53
N ASP A 37 4.68 -3.73 7.05
CA ASP A 37 3.92 -3.26 8.21
C ASP A 37 3.36 -1.86 7.97
N THR A 38 2.39 -1.48 8.77
CA THR A 38 1.77 -0.16 8.65
C THR A 38 2.82 0.95 8.65
N ASN A 39 3.91 0.72 9.38
CA ASN A 39 4.99 1.69 9.47
C ASN A 39 5.90 1.62 8.24
N THR A 40 6.23 0.39 7.83
CA THR A 40 7.09 0.19 6.67
C THR A 40 6.57 0.95 5.46
N VAL A 41 5.30 0.72 5.12
CA VAL A 41 4.69 1.39 3.99
C VAL A 41 4.88 2.89 4.05
N LEU A 42 4.40 3.50 5.14
CA LEU A 42 4.52 4.93 5.33
C LEU A 42 5.96 5.39 5.15
N GLY A 43 6.88 4.70 5.83
CA GLY A 43 8.29 5.04 5.74
C GLY A 43 8.77 5.12 4.31
N GLU A 44 8.46 4.10 3.52
CA GLU A 44 8.87 4.07 2.12
C GLU A 44 8.39 5.31 1.37
N LEU A 45 7.15 5.73 1.65
CA LEU A 45 6.58 6.89 1.02
C LEU A 45 7.22 8.18 1.54
N VAL A 46 7.64 8.15 2.80
CA VAL A 46 8.28 9.30 3.42
C VAL A 46 9.63 9.59 2.79
N LYS A 47 10.31 8.53 2.36
CA LYS A 47 11.63 8.65 1.74
C LYS A 47 11.50 8.77 0.22
N HIS A 48 10.93 7.73 -0.40
CA HIS A 48 10.74 7.71 -1.85
C HIS A 48 9.97 8.94 -2.31
N GLY A 49 8.85 9.21 -1.64
CA GLY A 49 8.03 10.36 -1.99
C GLY A 49 6.71 9.95 -2.60
N GLY A 1 -23.18 -6.12 -4.42
CA GLY A 1 -22.07 -5.20 -4.56
C GLY A 1 -21.29 -5.04 -3.27
N PRO A 2 -20.51 -6.07 -2.90
CA PRO A 2 -19.70 -6.06 -1.69
C PRO A 2 -18.53 -5.08 -1.77
N HIS A 3 -18.12 -4.56 -0.63
CA HIS A 3 -17.01 -3.61 -0.57
C HIS A 3 -15.73 -4.30 -0.08
N MET A 4 -15.89 -5.35 0.72
CA MET A 4 -14.76 -6.09 1.24
C MET A 4 -13.81 -6.50 0.13
N THR A 5 -12.55 -6.73 0.48
CA THR A 5 -11.55 -7.13 -0.50
C THR A 5 -10.32 -7.73 0.18
N SER A 6 -9.46 -8.36 -0.61
CA SER A 6 -8.26 -8.99 -0.08
C SER A 6 -7.45 -7.98 0.74
N GLU A 7 -7.01 -8.41 1.93
CA GLU A 7 -6.23 -7.55 2.81
C GLU A 7 -5.04 -6.95 2.07
N LEU A 8 -4.47 -7.73 1.15
CA LEU A 8 -3.32 -7.27 0.37
C LEU A 8 -3.74 -6.21 -0.64
N GLN A 9 -4.96 -6.34 -1.16
CA GLN A 9 -5.48 -5.40 -2.14
C GLN A 9 -5.90 -4.10 -1.48
N MET A 10 -6.40 -4.20 -0.25
CA MET A 10 -6.84 -3.03 0.51
C MET A 10 -5.65 -2.18 0.93
N LYS A 11 -4.51 -2.82 1.19
CA LYS A 11 -3.31 -2.12 1.59
C LYS A 11 -2.91 -1.07 0.56
N VAL A 12 -3.20 -1.35 -0.71
CA VAL A 12 -2.89 -0.42 -1.79
C VAL A 12 -4.00 0.60 -1.99
N ASP A 13 -5.22 0.09 -2.22
CA ASP A 13 -6.38 0.95 -2.43
C ASP A 13 -6.49 1.99 -1.31
N PHE A 14 -6.03 1.62 -0.12
CA PHE A 14 -6.09 2.51 1.03
C PHE A 14 -5.28 3.78 0.78
N PHE A 15 -3.96 3.63 0.70
CA PHE A 15 -3.08 4.76 0.47
C PHE A 15 -3.41 5.44 -0.86
N ARG A 16 -4.00 4.67 -1.77
CA ARG A 16 -4.36 5.19 -3.09
C ARG A 16 -5.37 6.33 -2.97
N LYS A 17 -6.16 6.31 -1.89
CA LYS A 17 -7.16 7.35 -1.65
C LYS A 17 -6.60 8.45 -0.78
N LEU A 18 -5.54 8.14 -0.02
CA LEU A 18 -4.91 9.11 0.86
C LEU A 18 -4.38 10.30 0.07
N GLY A 19 -4.19 10.10 -1.24
CA GLY A 19 -3.69 11.17 -2.07
C GLY A 19 -2.32 10.86 -2.66
N TYR A 20 -1.96 9.58 -2.65
CA TYR A 20 -0.68 9.14 -3.18
C TYR A 20 -0.80 8.71 -4.64
N SER A 21 0.30 8.24 -5.21
CA SER A 21 0.32 7.79 -6.60
C SER A 21 0.31 6.27 -6.69
N SER A 22 -0.48 5.73 -7.62
CA SER A 22 -0.56 4.29 -7.79
C SER A 22 0.81 3.68 -8.07
N SER A 23 1.59 4.36 -8.90
CA SER A 23 2.92 3.89 -9.24
C SER A 23 3.82 3.84 -8.01
N GLU A 24 3.47 4.62 -6.99
CA GLU A 24 4.24 4.66 -5.76
C GLU A 24 3.83 3.53 -4.83
N ILE A 25 2.55 3.45 -4.52
CA ILE A 25 2.02 2.41 -3.64
C ILE A 25 2.22 1.02 -4.25
N HIS A 26 1.80 0.87 -5.51
CA HIS A 26 1.93 -0.40 -6.21
C HIS A 26 3.39 -0.83 -6.29
N SER A 27 4.30 0.15 -6.22
CA SER A 27 5.72 -0.13 -6.28
C SER A 27 6.24 -0.67 -4.94
N VAL A 28 6.08 0.13 -3.90
CA VAL A 28 6.52 -0.26 -2.56
C VAL A 28 5.91 -1.60 -2.15
N LEU A 29 4.65 -1.80 -2.49
CA LEU A 29 3.95 -3.04 -2.16
C LEU A 29 4.47 -4.20 -3.00
N GLN A 30 4.95 -3.89 -4.20
CA GLN A 30 5.49 -4.90 -5.10
C GLN A 30 6.85 -5.38 -4.63
N LYS A 31 7.54 -4.53 -3.89
CA LYS A 31 8.87 -4.86 -3.38
C LYS A 31 8.78 -5.42 -1.95
N LEU A 32 7.77 -4.96 -1.21
CA LEU A 32 7.57 -5.40 0.17
C LEU A 32 6.71 -6.66 0.21
N GLY A 33 5.51 -6.57 -0.35
CA GLY A 33 4.61 -7.71 -0.36
C GLY A 33 3.56 -7.63 0.72
N VAL A 34 3.29 -8.76 1.37
CA VAL A 34 2.30 -8.82 2.44
C VAL A 34 2.96 -8.73 3.81
N GLN A 35 4.25 -9.05 3.85
CA GLN A 35 5.01 -9.00 5.10
C GLN A 35 5.12 -7.57 5.62
N ALA A 36 4.94 -6.61 4.72
CA ALA A 36 5.03 -5.20 5.09
C ALA A 36 4.13 -4.89 6.29
N ASP A 37 4.29 -3.69 6.85
CA ASP A 37 3.50 -3.28 8.00
C ASP A 37 2.93 -1.88 7.80
N THR A 38 1.90 -1.54 8.56
CA THR A 38 1.27 -0.24 8.46
C THR A 38 2.29 0.87 8.56
N ASN A 39 3.37 0.63 9.30
CA ASN A 39 4.42 1.61 9.46
C ASN A 39 5.39 1.59 8.28
N THR A 40 5.81 0.38 7.88
CA THR A 40 6.72 0.22 6.76
C THR A 40 6.23 0.97 5.54
N VAL A 41 4.97 0.75 5.18
CA VAL A 41 4.38 1.41 4.02
C VAL A 41 4.60 2.92 4.07
N LEU A 42 4.25 3.53 5.20
CA LEU A 42 4.41 4.96 5.38
C LEU A 42 5.87 5.38 5.20
N GLY A 43 6.76 4.73 5.94
CA GLY A 43 8.18 5.04 5.84
C GLY A 43 8.68 5.01 4.41
N GLU A 44 8.18 4.06 3.63
CA GLU A 44 8.59 3.92 2.24
C GLU A 44 8.27 5.19 1.46
N LEU A 45 7.11 5.78 1.73
CA LEU A 45 6.68 6.99 1.06
C LEU A 45 7.35 8.22 1.68
N VAL A 46 7.61 8.15 2.98
CA VAL A 46 8.24 9.25 3.69
C VAL A 46 9.58 9.62 3.06
N LYS A 47 10.40 8.61 2.78
CA LYS A 47 11.70 8.82 2.17
C LYS A 47 11.64 8.64 0.66
N HIS A 48 10.89 7.63 0.22
CA HIS A 48 10.74 7.36 -1.21
C HIS A 48 9.34 7.72 -1.69
N GLY A 49 8.98 8.99 -1.52
CA GLY A 49 7.66 9.45 -1.94
C GLY A 49 7.72 10.32 -3.18
N GLY A 1 -13.84 -9.71 7.68
CA GLY A 1 -13.63 -10.62 6.57
C GLY A 1 -14.69 -10.48 5.49
N PRO A 2 -14.58 -9.41 4.70
CA PRO A 2 -15.54 -9.14 3.61
C PRO A 2 -15.40 -10.14 2.46
N HIS A 3 -16.37 -10.12 1.55
CA HIS A 3 -16.36 -11.01 0.40
C HIS A 3 -15.43 -10.48 -0.69
N MET A 4 -15.46 -9.17 -0.90
CA MET A 4 -14.62 -8.54 -1.91
C MET A 4 -13.52 -7.71 -1.27
N THR A 5 -12.66 -7.12 -2.10
CA THR A 5 -11.56 -6.30 -1.61
C THR A 5 -10.70 -7.08 -0.61
N SER A 6 -9.87 -7.98 -1.13
CA SER A 6 -8.99 -8.79 -0.29
C SER A 6 -8.12 -7.91 0.58
N GLU A 7 -7.63 -8.47 1.68
CA GLU A 7 -6.78 -7.73 2.61
C GLU A 7 -5.53 -7.22 1.91
N LEU A 8 -5.17 -7.86 0.80
CA LEU A 8 -4.00 -7.46 0.03
C LEU A 8 -4.32 -6.29 -0.90
N GLN A 9 -5.55 -6.26 -1.41
CA GLN A 9 -5.98 -5.19 -2.30
C GLN A 9 -6.29 -3.92 -1.51
N MET A 10 -6.78 -4.09 -0.30
CA MET A 10 -7.13 -2.95 0.55
C MET A 10 -5.87 -2.19 0.97
N LYS A 11 -4.77 -2.91 1.15
CA LYS A 11 -3.51 -2.30 1.54
C LYS A 11 -3.12 -1.18 0.58
N VAL A 12 -3.36 -1.40 -0.71
CA VAL A 12 -3.05 -0.40 -1.72
C VAL A 12 -4.20 0.58 -1.90
N ASP A 13 -5.40 0.05 -2.07
CA ASP A 13 -6.58 0.88 -2.25
C ASP A 13 -6.68 1.94 -1.15
N PHE A 14 -6.16 1.61 0.04
CA PHE A 14 -6.19 2.52 1.17
C PHE A 14 -5.39 3.79 0.86
N PHE A 15 -4.07 3.65 0.86
CA PHE A 15 -3.19 4.78 0.59
C PHE A 15 -3.54 5.44 -0.75
N ARG A 16 -4.14 4.66 -1.64
CA ARG A 16 -4.54 5.18 -2.94
C ARG A 16 -5.52 6.34 -2.81
N LYS A 17 -6.25 6.35 -1.70
CA LYS A 17 -7.22 7.41 -1.44
C LYS A 17 -6.61 8.52 -0.59
N LEU A 18 -5.55 8.19 0.13
CA LEU A 18 -4.87 9.16 0.98
C LEU A 18 -4.33 10.32 0.17
N GLY A 19 -4.18 10.10 -1.14
CA GLY A 19 -3.68 11.14 -2.01
C GLY A 19 -2.32 10.80 -2.61
N TYR A 20 -2.00 9.51 -2.62
CA TYR A 20 -0.73 9.04 -3.17
C TYR A 20 -0.90 8.56 -4.61
N SER A 21 0.20 8.09 -5.19
CA SER A 21 0.18 7.60 -6.57
C SER A 21 0.18 6.07 -6.59
N SER A 22 -0.65 5.50 -7.47
CA SER A 22 -0.75 4.05 -7.59
C SER A 22 0.62 3.44 -7.87
N SER A 23 1.40 4.08 -8.73
CA SER A 23 2.72 3.60 -9.08
C SER A 23 3.63 3.58 -7.86
N GLU A 24 3.31 4.43 -6.88
CA GLU A 24 4.11 4.51 -5.66
C GLU A 24 3.70 3.40 -4.68
N ILE A 25 2.42 3.37 -4.34
CA ILE A 25 1.91 2.37 -3.41
C ILE A 25 2.09 0.96 -3.96
N HIS A 26 1.91 0.81 -5.27
CA HIS A 26 2.06 -0.49 -5.91
C HIS A 26 3.53 -0.89 -6.01
N SER A 27 4.41 0.11 -6.01
CA SER A 27 5.85 -0.13 -6.10
C SER A 27 6.38 -0.65 -4.77
N VAL A 28 6.25 0.16 -3.72
CA VAL A 28 6.73 -0.23 -2.40
C VAL A 28 6.18 -1.58 -1.98
N LEU A 29 4.95 -1.87 -2.40
CA LEU A 29 4.30 -3.13 -2.08
C LEU A 29 4.81 -4.26 -2.97
N GLN A 30 5.19 -3.91 -4.20
CA GLN A 30 5.70 -4.88 -5.16
C GLN A 30 6.99 -5.50 -4.65
N LYS A 31 7.73 -4.77 -3.82
CA LYS A 31 8.98 -5.25 -3.27
C LYS A 31 8.78 -5.74 -1.83
N LEU A 32 7.98 -5.02 -1.06
CA LEU A 32 7.72 -5.38 0.32
C LEU A 32 6.92 -6.68 0.39
N GLY A 33 5.75 -6.69 -0.23
CA GLY A 33 4.91 -7.87 -0.23
C GLY A 33 3.90 -7.86 0.89
N VAL A 34 3.78 -8.98 1.60
CA VAL A 34 2.84 -9.10 2.70
C VAL A 34 3.54 -8.88 4.04
N GLN A 35 4.86 -9.06 4.06
CA GLN A 35 5.64 -8.87 5.26
C GLN A 35 5.64 -7.42 5.70
N ALA A 36 5.34 -6.53 4.76
CA ALA A 36 5.29 -5.10 5.06
C ALA A 36 4.43 -4.80 6.27
N ASP A 37 4.49 -3.57 6.76
CA ASP A 37 3.70 -3.17 7.92
C ASP A 37 3.17 -1.74 7.75
N THR A 38 2.14 -1.42 8.52
CA THR A 38 1.53 -0.08 8.44
C THR A 38 2.59 1.00 8.60
N ASN A 39 3.65 0.69 9.34
CA ASN A 39 4.73 1.65 9.56
C ASN A 39 5.67 1.69 8.36
N THR A 40 6.16 0.52 7.95
CA THR A 40 7.08 0.43 6.82
C THR A 40 6.50 1.14 5.59
N VAL A 41 5.24 0.87 5.29
CA VAL A 41 4.57 1.48 4.15
C VAL A 41 4.74 2.99 4.17
N LEU A 42 4.39 3.61 5.29
CA LEU A 42 4.50 5.05 5.44
C LEU A 42 5.94 5.52 5.26
N GLY A 43 6.85 4.87 5.98
CA GLY A 43 8.26 5.22 5.88
C GLY A 43 8.80 5.13 4.47
N GLU A 44 8.20 4.24 3.68
CA GLU A 44 8.62 4.05 2.29
C GLU A 44 8.25 5.27 1.44
N LEU A 45 7.11 5.87 1.75
CA LEU A 45 6.65 7.04 1.02
C LEU A 45 7.26 8.32 1.59
N VAL A 46 7.58 8.30 2.87
CA VAL A 46 8.18 9.45 3.54
C VAL A 46 9.44 9.89 2.83
N LYS A 47 10.19 8.93 2.30
CA LYS A 47 11.43 9.22 1.60
C LYS A 47 11.33 8.82 0.12
N HIS A 48 10.47 7.84 -0.15
CA HIS A 48 10.28 7.37 -1.52
C HIS A 48 11.59 6.86 -2.11
N GLY A 49 12.38 6.17 -1.28
CA GLY A 49 13.65 5.64 -1.74
C GLY A 49 14.69 5.60 -0.63
N GLY A 1 -22.33 -5.90 1.53
CA GLY A 1 -20.95 -6.30 1.33
C GLY A 1 -20.78 -7.81 1.34
N PRO A 2 -21.29 -8.47 0.29
CA PRO A 2 -21.21 -9.94 0.16
C PRO A 2 -19.79 -10.41 -0.10
N HIS A 3 -19.09 -9.72 -0.99
CA HIS A 3 -17.71 -10.07 -1.34
C HIS A 3 -16.72 -9.27 -0.50
N MET A 4 -16.08 -9.93 0.44
CA MET A 4 -15.10 -9.27 1.31
C MET A 4 -13.93 -8.72 0.48
N THR A 5 -13.26 -7.71 1.04
CA THR A 5 -12.13 -7.09 0.36
C THR A 5 -10.81 -7.69 0.82
N SER A 6 -10.07 -8.27 -0.11
CA SER A 6 -8.79 -8.89 0.20
C SER A 6 -7.86 -7.89 0.92
N GLU A 7 -7.31 -8.32 2.05
CA GLU A 7 -6.42 -7.46 2.82
C GLU A 7 -5.31 -6.91 1.94
N LEU A 8 -4.81 -7.73 1.03
CA LEU A 8 -3.74 -7.32 0.13
C LEU A 8 -4.22 -6.24 -0.83
N GLN A 9 -5.48 -6.33 -1.23
CA GLN A 9 -6.07 -5.36 -2.14
C GLN A 9 -6.37 -4.04 -1.43
N MET A 10 -6.77 -4.14 -0.17
CA MET A 10 -7.07 -2.95 0.63
C MET A 10 -5.80 -2.17 0.96
N LYS A 11 -4.70 -2.89 1.14
CA LYS A 11 -3.42 -2.27 1.45
C LYS A 11 -3.06 -1.20 0.43
N VAL A 12 -3.39 -1.47 -0.84
CA VAL A 12 -3.11 -0.52 -1.91
C VAL A 12 -4.22 0.51 -2.05
N ASP A 13 -5.45 0.02 -2.22
CA ASP A 13 -6.61 0.89 -2.36
C ASP A 13 -6.66 1.92 -1.24
N PHE A 14 -6.14 1.54 -0.08
CA PHE A 14 -6.12 2.43 1.08
C PHE A 14 -5.32 3.70 0.78
N PHE A 15 -4.02 3.54 0.65
CA PHE A 15 -3.13 4.67 0.36
C PHE A 15 -3.49 5.31 -0.97
N ARG A 16 -4.15 4.55 -1.83
CA ARG A 16 -4.56 5.04 -3.14
C ARG A 16 -5.56 6.17 -3.01
N LYS A 17 -6.29 6.19 -1.90
CA LYS A 17 -7.29 7.22 -1.65
C LYS A 17 -6.71 8.36 -0.84
N LEU A 18 -5.62 8.07 -0.11
CA LEU A 18 -4.97 9.08 0.71
C LEU A 18 -4.44 10.22 -0.14
N GLY A 19 -4.26 9.96 -1.43
CA GLY A 19 -3.75 10.98 -2.34
C GLY A 19 -2.36 10.67 -2.84
N TYR A 20 -1.97 9.40 -2.76
CA TYR A 20 -0.65 8.98 -3.20
C TYR A 20 -0.67 8.56 -4.67
N SER A 21 0.51 8.34 -5.24
CA SER A 21 0.63 7.93 -6.63
C SER A 21 0.60 6.41 -6.76
N SER A 22 -0.14 5.91 -7.74
CA SER A 22 -0.24 4.48 -7.97
C SER A 22 1.13 3.86 -8.19
N SER A 23 1.99 4.56 -8.93
CA SER A 23 3.33 4.09 -9.22
C SER A 23 4.12 3.87 -7.92
N GLU A 24 3.70 4.56 -6.86
CA GLU A 24 4.37 4.43 -5.57
C GLU A 24 3.74 3.33 -4.73
N ILE A 25 2.43 3.45 -4.51
CA ILE A 25 1.71 2.46 -3.72
C ILE A 25 1.84 1.07 -4.32
N HIS A 26 1.96 1.02 -5.64
CA HIS A 26 2.11 -0.26 -6.35
C HIS A 26 3.55 -0.74 -6.32
N SER A 27 4.48 0.21 -6.22
CA SER A 27 5.90 -0.11 -6.19
C SER A 27 6.32 -0.62 -4.82
N VAL A 28 6.11 0.20 -3.80
CA VAL A 28 6.46 -0.16 -2.43
C VAL A 28 5.87 -1.51 -2.06
N LEU A 29 4.69 -1.80 -2.57
CA LEU A 29 4.01 -3.07 -2.29
C LEU A 29 4.59 -4.19 -3.14
N GLN A 30 5.04 -3.84 -4.34
CA GLN A 30 5.62 -4.82 -5.25
C GLN A 30 6.96 -5.33 -4.73
N LYS A 31 7.64 -4.49 -3.95
CA LYS A 31 8.93 -4.85 -3.39
C LYS A 31 8.77 -5.41 -1.98
N LEU A 32 7.86 -4.83 -1.21
CA LEU A 32 7.62 -5.28 0.15
C LEU A 32 6.81 -6.58 0.15
N GLY A 33 5.63 -6.55 -0.46
CA GLY A 33 4.79 -7.73 -0.51
C GLY A 33 3.80 -7.79 0.63
N VAL A 34 3.73 -8.93 1.29
CA VAL A 34 2.81 -9.11 2.42
C VAL A 34 3.51 -8.90 3.74
N GLN A 35 4.84 -9.04 3.74
CA GLN A 35 5.63 -8.86 4.95
C GLN A 35 5.58 -7.41 5.42
N ALA A 36 5.24 -6.51 4.51
CA ALA A 36 5.15 -5.08 4.83
C ALA A 36 4.27 -4.85 6.05
N ASP A 37 4.28 -3.61 6.55
CA ASP A 37 3.47 -3.26 7.71
C ASP A 37 2.96 -1.83 7.60
N THR A 38 1.91 -1.53 8.36
CA THR A 38 1.31 -0.19 8.34
C THR A 38 2.37 0.88 8.55
N ASN A 39 3.42 0.55 9.28
CA ASN A 39 4.50 1.48 9.56
C ASN A 39 5.48 1.54 8.39
N THR A 40 5.98 0.38 7.99
CA THR A 40 6.93 0.29 6.88
C THR A 40 6.41 1.02 5.65
N VAL A 41 5.15 0.75 5.29
CA VAL A 41 4.53 1.39 4.14
C VAL A 41 4.68 2.90 4.20
N LEU A 42 4.20 3.51 5.28
CA LEU A 42 4.28 4.95 5.46
C LEU A 42 5.71 5.44 5.27
N GLY A 43 6.65 4.77 5.94
CA GLY A 43 8.05 5.16 5.82
C GLY A 43 8.53 5.18 4.38
N GLU A 44 8.16 4.16 3.61
CA GLU A 44 8.56 4.08 2.22
C GLU A 44 8.22 5.37 1.47
N LEU A 45 7.08 5.96 1.82
CA LEU A 45 6.63 7.20 1.19
C LEU A 45 7.26 8.41 1.86
N VAL A 46 7.57 8.27 3.15
CA VAL A 46 8.18 9.36 3.90
C VAL A 46 9.62 9.61 3.45
N LYS A 47 10.25 8.56 2.93
CA LYS A 47 11.63 8.67 2.46
C LYS A 47 11.69 8.60 0.94
N HIS A 48 10.74 7.88 0.35
CA HIS A 48 10.68 7.75 -1.11
C HIS A 48 11.98 7.15 -1.65
N GLY A 49 12.55 6.23 -0.89
CA GLY A 49 13.79 5.59 -1.31
C GLY A 49 15.00 6.47 -1.06
#